data_6OZB
#
_entry.id   6OZB
#
_cell.length_a   78.967
_cell.length_b   78.967
_cell.length_c   209.299
_cell.angle_alpha   90.000
_cell.angle_beta   90.000
_cell.angle_gamma   120.000
#
_symmetry.space_group_name_H-M   'P 31 2 1'
#
loop_
_entity.id
_entity.type
_entity.pdbx_description
1 polymer 'Two-component sensor histidine kinase'
2 non-polymer PHYCOERYTHROBILIN
3 water water
#
_entity_poly.entity_id   1
_entity_poly.type   'polypeptide(L)'
_entity_poly.pdbx_seq_one_letter_code
;MSPTAKPNSQVSLNQESVLRRITARIRQSLELEDIITATTAEVRALLGTDRVMIYKFHPDGSGQVIAESIHENRLPSLLG
LNFPADDIPPQARELLVKSKVRSIVDVATGMIGQSPVHDLETGELISEDICYRPVDSCHVEYLTAMGVKSSVVAPIFCQD
ELWGLLVSHHSENRTVSEDELEAMQMIVDQLAVAIAQSHLEHHHHHH
;
_entity_poly.pdbx_strand_id   A,B,C
#
loop_
_chem_comp.id
_chem_comp.type
_chem_comp.name
_chem_comp.formula
PEB non-polymer PHYCOERYTHROBILIN 'C33 H40 N4 O6'
#
# COMPACT_ATOMS: atom_id res chain seq x y z
N VAL A 11 -17.03 11.00 29.95
CA VAL A 11 -17.16 9.75 30.69
C VAL A 11 -16.00 8.79 30.42
N SER A 12 -15.52 8.73 29.18
CA SER A 12 -14.36 7.89 28.87
C SER A 12 -13.05 8.68 28.87
N LEU A 13 -11.96 7.94 28.91
CA LEU A 13 -10.61 8.48 28.89
C LEU A 13 -10.35 9.15 27.56
N ASN A 14 -9.79 10.36 27.55
CA ASN A 14 -9.29 10.87 26.28
C ASN A 14 -7.83 11.27 26.44
N GLN A 15 -7.20 11.59 25.32
CA GLN A 15 -5.81 11.96 25.33
C GLN A 15 -5.56 13.21 26.16
N GLU A 16 -6.50 14.18 26.14
CA GLU A 16 -6.30 15.39 26.90
C GLU A 16 -6.18 15.14 28.40
N SER A 17 -7.07 14.29 28.96
CA SER A 17 -7.07 14.03 30.41
C SER A 17 -5.84 13.19 30.76
N VAL A 18 -5.40 12.29 29.86
CA VAL A 18 -4.17 11.54 30.11
C VAL A 18 -2.98 12.51 30.19
N LEU A 19 -2.90 13.49 29.29
CA LEU A 19 -1.79 14.44 29.36
C LEU A 19 -1.83 15.32 30.63
N ARG A 20 -3.04 15.69 31.06
CA ARG A 20 -3.16 16.49 32.28
C ARG A 20 -2.59 15.73 33.48
N ARG A 21 -2.81 14.43 33.54
CA ARG A 21 -2.27 13.65 34.68
C ARG A 21 -0.75 13.47 34.58
N ILE A 22 -0.23 13.34 33.36
CA ILE A 22 1.22 13.28 33.25
C ILE A 22 1.80 14.61 33.72
N THR A 23 1.17 15.71 33.33
CA THR A 23 1.63 17.03 33.72
C THR A 23 1.59 17.16 35.28
N ALA A 24 0.56 16.63 35.92
CA ALA A 24 0.47 16.72 37.37
C ALA A 24 1.61 15.93 38.02
N ARG A 25 1.94 14.77 37.46
CA ARG A 25 3.04 13.96 37.97
C ARG A 25 4.38 14.71 37.83
N ILE A 26 4.56 15.42 36.73
CA ILE A 26 5.75 16.25 36.56
C ILE A 26 5.81 17.32 37.67
N ARG A 27 4.67 17.92 38.00
CA ARG A 27 4.62 18.96 39.03
C ARG A 27 5.02 18.45 40.40
N GLN A 28 4.78 17.16 40.63
CA GLN A 28 5.14 16.55 41.89
C GLN A 28 6.62 16.16 41.97
N SER A 29 7.34 16.30 40.88
CA SER A 29 8.78 15.93 40.81
C SER A 29 9.03 14.48 41.24
N LEU A 30 8.10 13.61 40.86
CA LEU A 30 8.28 12.18 41.01
C LEU A 30 9.51 11.75 40.20
N GLU A 31 10.20 10.72 40.64
CA GLU A 31 11.28 10.12 39.87
C GLU A 31 10.71 9.70 38.51
N LEU A 32 11.52 9.88 37.48
CA LEU A 32 11.06 9.63 36.11
C LEU A 32 10.44 8.24 35.93
N GLU A 33 11.08 7.24 36.50
CA GLU A 33 10.63 5.85 36.38
C GLU A 33 9.20 5.72 36.95
N ASP A 34 8.92 6.45 38.02
CA ASP A 34 7.61 6.42 38.65
C ASP A 34 6.55 7.15 37.84
N ILE A 35 6.91 8.23 37.18
CA ILE A 35 5.98 8.90 36.28
C ILE A 35 5.58 7.95 35.15
N ILE A 36 6.59 7.28 34.61
CA ILE A 36 6.39 6.40 33.48
C ILE A 36 5.55 5.18 33.89
N THR A 37 5.84 4.60 35.05
CA THR A 37 5.09 3.44 35.58
C THR A 37 3.61 3.81 35.80
N ALA A 38 3.40 4.97 36.39
CA ALA A 38 2.08 5.48 36.71
C ALA A 38 1.27 5.84 35.45
N THR A 39 1.96 6.07 34.34
CA THR A 39 1.33 6.49 33.10
C THR A 39 0.89 5.36 32.15
N THR A 40 1.69 4.30 32.10
N THR A 40 1.67 4.28 32.08
CA THR A 40 1.45 3.20 31.18
CA THR A 40 1.36 3.20 31.14
C THR A 40 0.06 2.56 31.33
C THR A 40 -0.04 2.63 31.30
N ALA A 41 -0.51 2.45 32.53
CA ALA A 41 -1.84 1.85 32.69
C ALA A 41 -2.96 2.67 32.05
N GLU A 42 -2.87 4.00 32.14
CA GLU A 42 -3.90 4.85 31.56
C GLU A 42 -3.77 4.84 30.06
N VAL A 43 -2.54 4.76 29.58
CA VAL A 43 -2.28 4.71 28.14
C VAL A 43 -2.89 3.42 27.57
N ARG A 44 -2.70 2.30 28.26
CA ARG A 44 -3.30 1.06 27.79
C ARG A 44 -4.82 1.17 27.78
N ALA A 45 -5.40 1.74 28.81
CA ALA A 45 -6.87 1.87 28.86
C ALA A 45 -7.38 2.77 27.71
N LEU A 46 -6.61 3.81 27.40
CA LEU A 46 -6.96 4.72 26.32
C LEU A 46 -6.93 4.02 24.96
N LEU A 47 -5.86 3.30 24.68
CA LEU A 47 -5.68 2.67 23.37
C LEU A 47 -6.47 1.37 23.25
N GLY A 48 -6.75 0.73 24.37
CA GLY A 48 -7.60 -0.45 24.42
C GLY A 48 -6.93 -1.76 24.01
N THR A 49 -5.61 -1.74 23.91
CA THR A 49 -4.88 -2.90 23.42
C THR A 49 -4.47 -3.82 24.58
N ASP A 50 -4.03 -5.04 24.26
CA ASP A 50 -3.74 -6.03 25.28
C ASP A 50 -2.50 -5.69 26.11
N ARG A 51 -1.52 -5.01 25.51
CA ARG A 51 -0.26 -4.78 26.17
C ARG A 51 0.37 -3.49 25.68
N VAL A 52 0.60 -2.57 26.62
CA VAL A 52 1.35 -1.34 26.31
C VAL A 52 2.61 -1.33 27.16
N MET A 53 3.73 -1.02 26.53
CA MET A 53 5.04 -0.99 27.17
C MET A 53 5.78 0.29 26.83
N ILE A 54 6.63 0.72 27.76
CA ILE A 54 7.61 1.75 27.44
C ILE A 54 8.99 1.09 27.47
N TYR A 55 9.69 1.27 26.37
CA TYR A 55 10.98 0.63 26.09
C TYR A 55 12.05 1.71 26.15
N LYS A 56 13.08 1.54 26.96
CA LYS A 56 14.13 2.55 27.07
C LYS A 56 15.44 2.05 26.49
N PHE A 57 16.04 2.86 25.62
CA PHE A 57 17.31 2.47 24.97
C PHE A 57 18.49 2.65 25.88
N HIS A 58 19.36 1.66 25.82
CA HIS A 58 20.71 1.79 26.35
C HIS A 58 21.61 2.48 25.36
N PRO A 59 22.76 2.98 25.82
CA PRO A 59 23.69 3.63 24.91
C PRO A 59 24.12 2.76 23.70
N ASP A 60 24.23 1.44 23.83
CA ASP A 60 24.66 0.62 22.70
C ASP A 60 23.52 0.25 21.76
N GLY A 61 22.31 0.75 22.05
CA GLY A 61 21.18 0.54 21.17
C GLY A 61 20.29 -0.61 21.58
N SER A 62 20.77 -1.43 22.51
CA SER A 62 19.92 -2.41 23.17
C SER A 62 18.93 -1.63 24.01
N GLY A 63 18.01 -2.33 24.64
CA GLY A 63 17.01 -1.65 25.44
C GLY A 63 16.32 -2.55 26.44
N GLN A 64 15.48 -1.94 27.24
CA GLN A 64 14.80 -2.63 28.33
C GLN A 64 13.36 -2.18 28.43
N VAL A 65 12.45 -3.12 28.69
CA VAL A 65 11.07 -2.76 29.00
C VAL A 65 11.04 -2.27 30.43
N ILE A 66 10.78 -0.97 30.62
CA ILE A 66 10.84 -0.38 31.95
C ILE A 66 9.45 -0.13 32.54
N ALA A 67 8.40 -0.23 31.70
CA ALA A 67 7.04 -0.14 32.23
C ALA A 67 6.09 -0.91 31.33
N GLU A 68 5.02 -1.45 31.91
CA GLU A 68 4.12 -2.34 31.17
C GLU A 68 2.75 -2.39 31.82
N SER A 69 1.71 -2.37 30.99
CA SER A 69 0.35 -2.62 31.47
C SER A 69 -0.34 -3.60 30.51
N ILE A 70 -0.89 -4.67 31.08
CA ILE A 70 -1.53 -5.74 30.31
C ILE A 70 -2.98 -5.94 30.74
N HIS A 71 -3.85 -6.14 29.76
CA HIS A 71 -5.26 -6.42 30.01
C HIS A 71 -5.51 -7.91 30.24
N GLU A 72 -5.90 -8.28 31.45
CA GLU A 72 -6.35 -9.64 31.77
C GLU A 72 -5.37 -10.72 31.33
N ASN A 73 -4.07 -10.46 31.49
CA ASN A 73 -3.05 -11.46 31.13
C ASN A 73 -3.15 -12.00 29.70
N ARG A 74 -3.57 -11.15 28.77
CA ARG A 74 -3.87 -11.60 27.40
C ARG A 74 -2.59 -11.80 26.59
N LEU A 75 -1.54 -11.16 27.07
CA LEU A 75 -0.19 -11.40 26.57
C LEU A 75 0.76 -11.54 27.75
N PRO A 76 1.90 -12.25 27.56
CA PRO A 76 2.85 -12.39 28.66
C PRO A 76 3.50 -11.08 29.07
N SER A 77 4.03 -11.05 30.27
CA SER A 77 4.73 -9.88 30.77
C SER A 77 6.20 -9.89 30.34
N LEU A 78 6.63 -8.78 29.75
CA LEU A 78 8.02 -8.60 29.33
C LEU A 78 8.76 -7.57 30.22
N LEU A 79 8.12 -7.12 31.28
CA LEU A 79 8.68 -6.11 32.17
C LEU A 79 10.07 -6.51 32.67
N GLY A 80 11.02 -5.59 32.58
CA GLY A 80 12.36 -5.82 33.06
C GLY A 80 13.27 -6.52 32.08
N LEU A 81 12.73 -7.10 31.00
CA LEU A 81 13.54 -7.84 30.05
C LEU A 81 14.33 -6.90 29.14
N ASN A 82 15.54 -7.33 28.80
CA ASN A 82 16.40 -6.61 27.87
C ASN A 82 16.33 -7.22 26.48
N PHE A 83 16.39 -6.38 25.46
CA PHE A 83 16.43 -6.85 24.06
C PHE A 83 17.66 -6.26 23.34
N PRO A 84 18.31 -7.04 22.47
CA PRO A 84 19.56 -6.57 21.87
C PRO A 84 19.35 -5.51 20.79
N ALA A 85 20.41 -4.77 20.48
CA ALA A 85 20.35 -3.74 19.45
C ALA A 85 19.88 -4.25 18.09
N ASP A 86 20.33 -5.43 17.71
N ASP A 86 20.30 -5.45 17.71
CA ASP A 86 20.05 -5.98 16.38
CA ASP A 86 20.03 -5.98 16.37
C ASP A 86 18.56 -6.25 16.13
C ASP A 86 18.55 -6.35 16.15
N ASP A 87 17.72 -6.19 17.18
CA ASP A 87 16.28 -6.40 17.02
C ASP A 87 15.69 -5.30 16.16
N ILE A 88 16.38 -4.16 16.17
CA ILE A 88 16.01 -3.00 15.36
C ILE A 88 17.19 -2.64 14.46
N PRO A 89 17.15 -3.08 13.19
CA PRO A 89 18.27 -2.85 12.26
C PRO A 89 18.47 -1.39 11.91
N PRO A 90 19.64 -1.06 11.30
CA PRO A 90 19.99 0.34 11.00
C PRO A 90 18.93 1.11 10.19
N GLN A 91 18.37 0.48 9.16
CA GLN A 91 17.34 1.10 8.33
C GLN A 91 16.14 1.54 9.18
N ALA A 92 15.65 0.62 10.00
CA ALA A 92 14.51 0.90 10.90
C ALA A 92 14.86 1.98 11.90
N ARG A 93 16.05 1.90 12.48
CA ARG A 93 16.47 2.86 13.49
C ARG A 93 16.57 4.28 12.89
N GLU A 94 17.03 4.36 11.65
CA GLU A 94 17.18 5.64 10.98
C GLU A 94 15.83 6.33 10.75
N LEU A 95 14.81 5.54 10.41
CA LEU A 95 13.46 6.06 10.25
C LEU A 95 12.95 6.64 11.57
N LEU A 96 13.25 5.97 12.68
CA LEU A 96 12.85 6.48 13.98
C LEU A 96 13.51 7.80 14.25
N VAL A 97 14.82 7.84 14.06
CA VAL A 97 15.62 8.99 14.41
C VAL A 97 15.34 10.19 13.49
N LYS A 98 15.33 9.96 12.18
CA LYS A 98 15.25 11.07 11.23
C LYS A 98 13.81 11.50 10.89
N SER A 99 12.89 10.56 10.83
CA SER A 99 11.50 10.86 10.48
C SER A 99 10.52 10.76 11.63
N LYS A 100 10.99 10.36 12.80
CA LYS A 100 10.11 10.10 13.94
C LYS A 100 8.95 9.21 13.47
N VAL A 101 9.26 8.23 12.63
CA VAL A 101 8.21 7.37 12.07
C VAL A 101 7.38 6.64 13.13
N ARG A 102 6.08 6.56 12.87
CA ARG A 102 5.17 5.72 13.61
C ARG A 102 4.89 4.52 12.72
N SER A 103 4.89 3.32 13.29
CA SER A 103 4.77 2.07 12.54
C SER A 103 3.65 1.18 13.05
N ILE A 104 2.85 0.70 12.10
CA ILE A 104 1.75 -0.20 12.33
C ILE A 104 2.01 -1.53 11.61
N VAL A 105 2.20 -2.62 12.34
CA VAL A 105 2.36 -3.94 11.71
C VAL A 105 1.07 -4.72 11.82
N ASP A 106 0.63 -5.23 10.65
CA ASP A 106 -0.56 -6.07 10.52
C ASP A 106 -0.16 -7.47 10.09
N VAL A 107 -0.14 -8.40 11.03
CA VAL A 107 0.33 -9.72 10.76
C VAL A 107 -0.54 -10.43 9.73
N ALA A 108 -1.87 -10.26 9.82
CA ALA A 108 -2.74 -10.98 8.89
C ALA A 108 -2.46 -10.70 7.41
N THR A 109 -2.15 -9.44 7.09
CA THR A 109 -1.86 -9.05 5.71
C THR A 109 -0.37 -9.06 5.39
N GLY A 110 0.47 -9.16 6.41
CA GLY A 110 1.91 -9.13 6.23
C GLY A 110 2.44 -7.76 5.83
N MET A 111 1.71 -6.72 6.22
CA MET A 111 2.07 -5.36 5.87
C MET A 111 2.45 -4.49 7.06
N ILE A 112 3.29 -3.49 6.80
CA ILE A 112 3.63 -2.49 7.79
C ILE A 112 3.31 -1.14 7.22
N GLY A 113 2.63 -0.32 8.02
CA GLY A 113 2.28 1.01 7.59
C GLY A 113 3.09 2.02 8.36
N GLN A 114 3.62 3.02 7.67
CA GLN A 114 4.51 3.96 8.30
C GLN A 114 4.06 5.36 8.01
N SER A 115 4.14 6.16 9.07
CA SER A 115 3.66 7.53 9.06
C SER A 115 4.73 8.43 9.68
N PRO A 116 5.40 9.24 8.87
CA PRO A 116 6.37 10.19 9.43
C PRO A 116 5.66 11.32 10.14
N VAL A 117 6.39 12.00 11.00
CA VAL A 117 5.86 13.21 11.61
C VAL A 117 6.04 14.39 10.65
N HIS A 118 7.16 14.46 9.92
CA HIS A 118 7.40 15.57 8.98
C HIS A 118 7.32 16.90 9.74
N ASP A 119 6.75 17.92 9.09
CA ASP A 119 6.85 19.28 9.58
C ASP A 119 5.48 19.95 9.49
N GLU A 128 0.74 14.13 4.34
CA GLU A 128 0.44 12.79 3.85
C GLU A 128 -0.09 11.83 4.91
N ASP A 129 -0.52 10.68 4.43
CA ASP A 129 -1.08 9.62 5.25
C ASP A 129 -0.17 8.41 5.49
N ILE A 130 -0.79 7.30 5.89
CA ILE A 130 -0.10 6.07 6.21
C ILE A 130 0.05 5.18 4.98
N CYS A 131 1.30 4.82 4.67
N CYS A 131 1.30 4.87 4.62
CA CYS A 131 1.62 4.07 3.47
CA CYS A 131 1.56 4.05 3.45
C CYS A 131 2.05 2.68 3.87
C CYS A 131 2.01 2.68 3.90
N TYR A 132 1.38 1.65 3.33
CA TYR A 132 1.64 0.27 3.71
C TYR A 132 2.51 -0.46 2.66
N ARG A 133 3.44 -1.26 3.16
CA ARG A 133 4.35 -2.06 2.33
C ARG A 133 4.55 -3.41 3.01
N PRO A 134 5.13 -4.38 2.29
CA PRO A 134 5.37 -5.67 2.94
C PRO A 134 6.39 -5.55 4.06
N VAL A 135 6.12 -6.21 5.18
CA VAL A 135 7.02 -6.13 6.33
C VAL A 135 8.02 -7.28 6.27
N ASP A 136 9.24 -7.04 6.68
CA ASP A 136 10.26 -8.10 6.66
C ASP A 136 9.79 -9.32 7.46
N SER A 137 10.00 -10.50 6.90
CA SER A 137 9.50 -11.71 7.54
C SER A 137 10.20 -11.97 8.89
N CYS A 138 11.42 -11.46 9.08
CA CYS A 138 12.06 -11.64 10.39
C CYS A 138 11.25 -10.95 11.50
N HIS A 139 10.74 -9.76 11.19
CA HIS A 139 9.98 -8.97 12.14
C HIS A 139 8.62 -9.59 12.35
N VAL A 140 8.02 -10.13 11.29
CA VAL A 140 6.74 -10.82 11.42
C VAL A 140 6.88 -11.96 12.39
N GLU A 141 7.94 -12.72 12.20
CA GLU A 141 8.20 -13.90 13.00
C GLU A 141 8.46 -13.53 14.46
N TYR A 142 9.15 -12.42 14.66
CA TYR A 142 9.44 -11.87 15.99
C TYR A 142 8.16 -11.59 16.76
N LEU A 143 7.23 -10.91 16.09
CA LEU A 143 5.96 -10.56 16.69
C LEU A 143 5.08 -11.80 16.94
N THR A 144 5.00 -12.69 15.95
N THR A 144 4.98 -12.71 15.98
CA THR A 144 4.21 -13.90 16.06
CA THR A 144 4.13 -13.88 16.17
C THR A 144 4.71 -14.73 17.25
C THR A 144 4.70 -14.77 17.28
N ALA A 145 6.03 -14.80 17.42
CA ALA A 145 6.62 -15.58 18.52
C ALA A 145 6.23 -15.01 19.89
N MET A 146 5.88 -13.71 19.93
CA MET A 146 5.41 -13.07 21.16
C MET A 146 3.90 -13.22 21.34
N GLY A 147 3.25 -13.79 20.33
CA GLY A 147 1.79 -13.92 20.33
C GLY A 147 1.05 -12.67 19.87
N VAL A 148 1.77 -11.78 19.18
CA VAL A 148 1.27 -10.49 18.75
C VAL A 148 0.78 -10.52 17.33
N LYS A 149 -0.44 -10.03 17.09
CA LYS A 149 -0.99 -9.92 15.74
C LYS A 149 -1.05 -8.48 15.22
N SER A 150 -0.99 -7.53 16.13
CA SER A 150 -1.00 -6.10 15.84
C SER A 150 0.04 -5.38 16.69
N SER A 151 0.91 -4.60 16.06
CA SER A 151 1.88 -3.77 16.77
C SER A 151 1.81 -2.34 16.28
N VAL A 152 1.85 -1.40 17.23
CA VAL A 152 1.95 0.02 16.88
C VAL A 152 3.04 0.63 17.73
N VAL A 153 4.00 1.30 17.11
CA VAL A 153 5.18 1.85 17.80
C VAL A 153 5.38 3.32 17.47
N ALA A 154 5.60 4.14 18.49
CA ALA A 154 6.01 5.52 18.30
C ALA A 154 7.25 5.83 19.16
N PRO A 155 8.24 6.51 18.58
CA PRO A 155 9.46 6.83 19.32
C PRO A 155 9.28 7.92 20.36
N ILE A 156 10.08 7.81 21.42
CA ILE A 156 10.17 8.80 22.47
C ILE A 156 11.54 9.47 22.42
N PHE A 157 11.55 10.80 22.42
CA PHE A 157 12.77 11.59 22.37
C PHE A 157 13.02 12.36 23.66
N CYS A 158 14.27 12.70 23.87
CA CYS A 158 14.63 13.70 24.87
C CYS A 158 15.44 14.70 24.12
N GLN A 159 14.89 15.91 24.03
CA GLN A 159 15.41 16.92 23.14
C GLN A 159 15.47 16.28 21.76
N ASP A 160 16.66 16.10 21.20
CA ASP A 160 16.83 15.51 19.86
C ASP A 160 17.35 14.08 19.84
N GLU A 161 17.46 13.44 21.00
CA GLU A 161 18.03 12.11 21.12
C GLU A 161 16.90 11.09 21.24
N LEU A 162 17.00 10.01 20.50
CA LEU A 162 16.07 8.89 20.60
C LEU A 162 16.23 8.23 21.96
N TRP A 163 15.22 8.32 22.81
CA TRP A 163 15.30 7.87 24.19
C TRP A 163 14.65 6.50 24.42
N GLY A 164 13.56 6.24 23.72
CA GLY A 164 12.82 5.00 23.90
C GLY A 164 11.68 4.84 22.92
N LEU A 165 10.77 3.92 23.21
CA LEU A 165 9.62 3.64 22.39
C LEU A 165 8.39 3.46 23.26
N LEU A 166 7.25 3.90 22.74
CA LEU A 166 5.93 3.55 23.22
C LEU A 166 5.44 2.41 22.32
N VAL A 167 5.18 1.27 22.93
CA VAL A 167 4.86 0.02 22.16
C VAL A 167 3.48 -0.47 22.55
N SER A 168 2.63 -0.66 21.55
CA SER A 168 1.27 -1.11 21.77
C SER A 168 1.04 -2.40 20.98
N HIS A 169 0.80 -3.48 21.71
CA HIS A 169 0.64 -4.81 21.15
C HIS A 169 -0.74 -5.38 21.39
N HIS A 170 -1.25 -6.11 20.41
CA HIS A 170 -2.53 -6.79 20.58
C HIS A 170 -2.46 -8.23 20.08
N SER A 171 -3.15 -9.13 20.77
CA SER A 171 -3.16 -10.56 20.44
C SER A 171 -4.13 -10.94 19.30
N GLU A 172 -4.90 -9.96 18.82
CA GLU A 172 -5.83 -10.17 17.70
C GLU A 172 -5.65 -9.11 16.64
N ASN A 173 -5.98 -9.43 15.38
CA ASN A 173 -5.79 -8.44 14.32
C ASN A 173 -6.77 -7.31 14.51
N ARG A 174 -6.36 -6.13 14.11
CA ARG A 174 -7.23 -4.97 14.17
C ARG A 174 -6.80 -3.93 13.17
N THR A 175 -7.66 -2.95 12.92
CA THR A 175 -7.31 -1.80 12.11
C THR A 175 -6.80 -0.66 13.00
N VAL A 176 -5.94 0.19 12.47
CA VAL A 176 -5.42 1.31 13.22
C VAL A 176 -5.62 2.59 12.40
N SER A 177 -6.25 3.57 13.04
CA SER A 177 -6.59 4.85 12.45
C SER A 177 -5.59 5.96 12.74
N GLU A 178 -5.68 7.03 11.99
CA GLU A 178 -4.87 8.22 12.29
C GLU A 178 -5.10 8.79 13.69
N ASP A 179 -6.33 8.74 14.16
CA ASP A 179 -6.62 9.24 15.50
C ASP A 179 -5.82 8.51 16.57
N GLU A 180 -5.64 7.21 16.43
CA GLU A 180 -4.87 6.46 17.41
C GLU A 180 -3.40 6.88 17.35
N LEU A 181 -2.89 7.15 16.15
CA LEU A 181 -1.50 7.60 16.05
C LEU A 181 -1.37 8.97 16.68
N GLU A 182 -2.39 9.83 16.52
CA GLU A 182 -2.36 11.18 17.09
C GLU A 182 -2.29 11.11 18.62
N ALA A 183 -3.08 10.21 19.21
CA ALA A 183 -3.05 10.00 20.66
C ALA A 183 -1.66 9.55 21.11
N MET A 184 -1.09 8.57 20.41
CA MET A 184 0.25 8.09 20.77
C MET A 184 1.29 9.23 20.63
N GLN A 185 1.13 10.05 19.60
CA GLN A 185 2.09 11.15 19.36
C GLN A 185 1.97 12.19 20.51
N MET A 186 0.75 12.46 20.97
CA MET A 186 0.58 13.40 22.09
C MET A 186 1.25 12.84 23.34
N ILE A 187 1.03 11.55 23.58
CA ILE A 187 1.61 10.91 24.75
C ILE A 187 3.17 10.92 24.69
N VAL A 188 3.79 10.55 23.57
CA VAL A 188 5.26 10.56 23.55
C VAL A 188 5.82 12.00 23.61
N ASP A 189 5.12 12.97 23.04
CA ASP A 189 5.54 14.37 23.18
C ASP A 189 5.48 14.83 24.65
N GLN A 190 4.46 14.40 25.38
CA GLN A 190 4.34 14.79 26.80
C GLN A 190 5.41 14.08 27.63
N LEU A 191 5.72 12.83 27.27
CA LEU A 191 6.78 12.11 27.95
C LEU A 191 8.13 12.76 27.70
N ALA A 192 8.35 13.25 26.48
CA ALA A 192 9.61 13.98 26.21
C ALA A 192 9.76 15.16 27.15
N VAL A 193 8.66 15.84 27.42
CA VAL A 193 8.68 16.95 28.37
C VAL A 193 9.00 16.47 29.79
N ALA A 194 8.41 15.35 30.21
CA ALA A 194 8.70 14.80 31.51
C ALA A 194 10.20 14.45 31.65
N ILE A 195 10.76 13.82 30.61
CA ILE A 195 12.18 13.46 30.66
C ILE A 195 13.05 14.68 30.73
N ALA A 196 12.82 15.65 29.86
CA ALA A 196 13.60 16.88 29.87
C ALA A 196 13.52 17.62 31.22
N GLN A 197 12.31 17.72 31.78
CA GLN A 197 12.14 18.41 33.05
C GLN A 197 12.86 17.63 34.14
N SER A 198 12.79 16.30 34.07
CA SER A 198 13.47 15.45 35.05
C SER A 198 14.99 15.65 35.00
N HIS A 199 15.57 15.71 33.81
CA HIS A 199 17.00 15.97 33.67
C HIS A 199 17.40 17.31 34.30
N LEU A 200 16.59 18.34 34.07
CA LEU A 200 16.92 19.65 34.58
C LEU A 200 16.83 19.68 36.10
N GLU A 201 15.84 18.98 36.64
CA GLU A 201 15.63 19.03 38.10
C GLU A 201 16.70 18.23 38.83
N HIS A 202 17.27 17.22 38.16
CA HIS A 202 18.27 16.36 38.78
C HIS A 202 19.69 16.80 38.46
N HIS A 203 19.84 17.94 37.78
CA HIS A 203 21.13 18.48 37.42
C HIS A 203 21.94 18.84 38.67
N HIS A 204 23.23 18.54 38.65
CA HIS A 204 24.10 18.77 39.82
C HIS A 204 24.20 20.24 40.18
N VAL B 11 -18.38 1.48 -31.42
CA VAL B 11 -18.58 0.03 -31.48
C VAL B 11 -18.42 -0.61 -30.09
N SER B 12 -17.43 -0.18 -29.33
CA SER B 12 -17.24 -0.63 -27.96
C SER B 12 -17.79 0.40 -26.97
N LEU B 13 -18.30 -0.10 -25.84
CA LEU B 13 -18.83 0.75 -24.78
C LEU B 13 -17.73 1.57 -24.10
N ASN B 14 -17.92 2.88 -24.01
CA ASN B 14 -17.05 3.72 -23.20
C ASN B 14 -17.84 4.61 -22.27
N GLN B 15 -17.14 5.20 -21.31
CA GLN B 15 -17.83 6.02 -20.35
C GLN B 15 -18.50 7.17 -21.06
N GLU B 16 -17.92 7.68 -22.14
CA GLU B 16 -18.51 8.84 -22.82
C GLU B 16 -19.91 8.50 -23.39
N SER B 17 -20.04 7.31 -23.96
CA SER B 17 -21.33 6.97 -24.60
C SER B 17 -22.34 6.65 -23.52
N VAL B 18 -21.91 6.08 -22.39
CA VAL B 18 -22.83 5.85 -21.27
C VAL B 18 -23.38 7.17 -20.73
N LEU B 19 -22.51 8.16 -20.54
CA LEU B 19 -22.99 9.45 -20.09
C LEU B 19 -23.89 10.14 -21.09
N ARG B 20 -23.61 10.00 -22.37
CA ARG B 20 -24.42 10.65 -23.41
C ARG B 20 -25.84 10.12 -23.30
N ARG B 21 -25.99 8.83 -23.04
CA ARG B 21 -27.32 8.26 -22.90
C ARG B 21 -28.04 8.68 -21.63
N ILE B 22 -27.31 8.83 -20.53
CA ILE B 22 -27.92 9.33 -19.31
C ILE B 22 -28.41 10.74 -19.57
N THR B 23 -27.56 11.55 -20.23
CA THR B 23 -27.94 12.93 -20.53
C THR B 23 -29.22 13.01 -21.39
N ALA B 24 -29.35 12.13 -22.39
CA ALA B 24 -30.56 12.08 -23.23
C ALA B 24 -31.80 11.68 -22.40
N ARG B 25 -31.61 10.72 -21.49
CA ARG B 25 -32.69 10.29 -20.62
C ARG B 25 -33.20 11.43 -19.71
N ILE B 26 -32.28 12.22 -19.19
CA ILE B 26 -32.60 13.40 -18.42
C ILE B 26 -33.35 14.41 -19.29
N ARG B 27 -32.84 14.60 -20.51
CA ARG B 27 -33.44 15.56 -21.45
C ARG B 27 -34.88 15.19 -21.81
N GLN B 28 -35.15 13.88 -21.90
CA GLN B 28 -36.49 13.39 -22.19
C GLN B 28 -37.37 13.26 -20.94
N SER B 29 -36.82 13.58 -19.77
CA SER B 29 -37.57 13.51 -18.51
C SER B 29 -38.13 12.11 -18.28
N LEU B 30 -37.37 11.09 -18.61
CA LEU B 30 -37.77 9.72 -18.30
C LEU B 30 -37.89 9.56 -16.78
N GLU B 31 -38.72 8.64 -16.33
CA GLU B 31 -38.92 8.44 -14.89
C GLU B 31 -37.60 8.09 -14.22
N LEU B 32 -37.33 8.71 -13.07
CA LEU B 32 -36.02 8.57 -12.44
C LEU B 32 -35.67 7.12 -12.15
N GLU B 33 -36.64 6.35 -11.67
CA GLU B 33 -36.37 4.94 -11.36
C GLU B 33 -35.93 4.18 -12.62
N ASP B 34 -36.51 4.54 -13.77
CA ASP B 34 -36.14 3.93 -15.05
C ASP B 34 -34.76 4.41 -15.52
N ILE B 35 -34.41 5.66 -15.24
CA ILE B 35 -33.06 6.11 -15.55
C ILE B 35 -32.02 5.32 -14.74
N ILE B 36 -32.32 5.11 -13.47
CA ILE B 36 -31.42 4.41 -12.57
C ILE B 36 -31.31 2.93 -13.01
N THR B 37 -32.43 2.31 -13.35
CA THR B 37 -32.40 0.91 -13.79
C THR B 37 -31.60 0.72 -15.09
N ALA B 38 -31.88 1.54 -16.09
CA ALA B 38 -31.22 1.40 -17.37
C ALA B 38 -29.74 1.73 -17.28
N THR B 39 -29.39 2.65 -16.36
CA THR B 39 -28.00 3.07 -16.29
C THR B 39 -27.18 1.97 -15.59
N THR B 40 -27.79 1.33 -14.60
CA THR B 40 -27.13 0.27 -13.85
C THR B 40 -26.71 -0.86 -14.81
N ALA B 41 -27.57 -1.20 -15.75
CA ALA B 41 -27.22 -2.26 -16.71
C ALA B 41 -26.02 -1.88 -17.59
N GLU B 42 -25.92 -0.61 -17.99
CA GLU B 42 -24.82 -0.19 -18.84
C GLU B 42 -23.54 -0.09 -18.05
N VAL B 43 -23.63 0.30 -16.78
CA VAL B 43 -22.44 0.32 -15.95
C VAL B 43 -21.89 -1.09 -15.81
N ARG B 44 -22.76 -2.10 -15.60
CA ARG B 44 -22.25 -3.45 -15.47
C ARG B 44 -21.54 -3.89 -16.77
N ALA B 45 -22.16 -3.57 -17.90
CA ALA B 45 -21.56 -3.93 -19.18
C ALA B 45 -20.22 -3.23 -19.37
N LEU B 46 -20.16 -1.96 -18.95
CA LEU B 46 -18.94 -1.20 -19.07
C LEU B 46 -17.82 -1.77 -18.19
N LEU B 47 -18.10 -2.10 -16.94
CA LEU B 47 -17.07 -2.61 -16.03
C LEU B 47 -16.76 -4.07 -16.20
N GLY B 48 -17.70 -4.83 -16.73
CA GLY B 48 -17.51 -6.25 -16.97
C GLY B 48 -17.62 -7.12 -15.71
N THR B 49 -18.14 -6.57 -14.62
CA THR B 49 -18.22 -7.30 -13.36
C THR B 49 -19.52 -8.11 -13.23
N ASP B 50 -19.57 -9.01 -12.24
CA ASP B 50 -20.68 -9.94 -12.13
C ASP B 50 -21.96 -9.29 -11.65
N ARG B 51 -21.86 -8.25 -10.84
CA ARG B 51 -23.05 -7.62 -10.26
C ARG B 51 -22.81 -6.16 -9.96
N VAL B 52 -23.66 -5.30 -10.52
CA VAL B 52 -23.61 -3.90 -10.24
C VAL B 52 -24.97 -3.49 -9.66
N MET B 53 -24.93 -2.71 -8.59
CA MET B 53 -26.16 -2.27 -7.95
C MET B 53 -26.13 -0.78 -7.66
N ILE B 54 -27.32 -0.20 -7.59
CA ILE B 54 -27.47 1.10 -7.00
C ILE B 54 -28.26 0.95 -5.69
N TYR B 55 -27.66 1.50 -4.64
CA TYR B 55 -28.14 1.38 -3.28
C TYR B 55 -28.59 2.76 -2.85
N LYS B 56 -29.82 2.88 -2.37
CA LYS B 56 -30.36 4.17 -1.98
C LYS B 56 -30.56 4.23 -0.46
N PHE B 57 -30.04 5.29 0.16
CA PHE B 57 -30.16 5.44 1.60
C PHE B 57 -31.53 5.93 2.01
N HIS B 58 -32.02 5.35 3.09
CA HIS B 58 -33.16 5.88 3.85
C HIS B 58 -32.65 6.92 4.83
N PRO B 59 -33.56 7.73 5.38
CA PRO B 59 -33.17 8.76 6.34
C PRO B 59 -32.38 8.23 7.55
N ASP B 60 -32.67 7.04 8.04
CA ASP B 60 -31.95 6.52 9.22
C ASP B 60 -30.62 5.89 8.90
N GLY B 61 -30.21 5.90 7.63
CA GLY B 61 -28.91 5.39 7.25
C GLY B 61 -28.91 3.96 6.76
N SER B 62 -30.01 3.25 6.99
CA SER B 62 -30.22 1.97 6.34
C SER B 62 -30.42 2.28 4.87
N GLY B 63 -30.56 1.25 4.06
CA GLY B 63 -30.75 1.50 2.64
C GLY B 63 -31.35 0.31 1.93
N GLN B 64 -31.59 0.48 0.63
CA GLN B 64 -32.25 -0.54 -0.20
C GLN B 64 -31.59 -0.66 -1.55
N VAL B 65 -31.44 -1.89 -2.03
CA VAL B 65 -30.97 -2.10 -3.40
C VAL B 65 -32.12 -1.79 -4.38
N ILE B 66 -32.02 -0.70 -5.14
CA ILE B 66 -33.13 -0.27 -6.00
C ILE B 66 -32.91 -0.56 -7.49
N ALA B 67 -31.71 -0.97 -7.85
CA ALA B 67 -31.42 -1.41 -9.22
C ALA B 67 -30.27 -2.38 -9.15
N GLU B 68 -30.27 -3.34 -10.08
CA GLU B 68 -29.27 -4.40 -10.06
C GLU B 68 -29.16 -5.01 -11.45
N SER B 69 -27.94 -5.25 -11.88
CA SER B 69 -27.69 -5.96 -13.11
C SER B 69 -26.63 -7.03 -12.86
N ILE B 70 -26.96 -8.27 -13.17
CA ILE B 70 -26.09 -9.39 -12.88
C ILE B 70 -25.76 -10.11 -14.14
N HIS B 71 -24.49 -10.50 -14.28
CA HIS B 71 -24.07 -11.30 -15.42
C HIS B 71 -24.26 -12.80 -15.21
N GLU B 72 -25.12 -13.41 -16.02
CA GLU B 72 -25.26 -14.88 -16.11
C GLU B 72 -25.51 -15.57 -14.76
N ASN B 73 -26.30 -14.93 -13.91
CA ASN B 73 -26.70 -15.49 -12.62
C ASN B 73 -25.50 -15.86 -11.74
N ARG B 74 -24.39 -15.17 -11.92
CA ARG B 74 -23.15 -15.56 -11.24
C ARG B 74 -23.11 -15.16 -9.77
N LEU B 75 -23.91 -14.18 -9.40
CA LEU B 75 -24.09 -13.82 -7.99
C LEU B 75 -25.60 -13.73 -7.73
N PRO B 76 -26.03 -13.94 -6.48
CA PRO B 76 -27.47 -13.91 -6.17
C PRO B 76 -28.05 -12.53 -6.37
N SER B 77 -29.36 -12.46 -6.57
CA SER B 77 -30.03 -11.17 -6.73
C SER B 77 -30.37 -10.57 -5.37
N LEU B 78 -29.97 -9.32 -5.17
CA LEU B 78 -30.28 -8.58 -3.96
C LEU B 78 -31.29 -7.46 -4.20
N LEU B 79 -31.84 -7.37 -5.42
CA LEU B 79 -32.80 -6.32 -5.76
C LEU B 79 -33.96 -6.31 -4.76
N GLY B 80 -34.31 -5.11 -4.29
CA GLY B 80 -35.40 -4.98 -3.32
C GLY B 80 -35.03 -5.17 -1.85
N LEU B 81 -33.87 -5.73 -1.55
CA LEU B 81 -33.49 -6.01 -0.17
C LEU B 81 -33.02 -4.77 0.56
N ASN B 82 -33.31 -4.74 1.87
CA ASN B 82 -32.86 -3.68 2.77
C ASN B 82 -31.70 -4.13 3.63
N PHE B 83 -30.77 -3.21 3.88
CA PHE B 83 -29.63 -3.47 4.76
C PHE B 83 -29.56 -2.38 5.82
N PRO B 84 -29.19 -2.74 7.06
CA PRO B 84 -29.20 -1.80 8.19
C PRO B 84 -28.09 -0.77 8.15
N ALA B 85 -28.29 0.31 8.89
CA ALA B 85 -27.32 1.38 8.99
C ALA B 85 -25.96 0.87 9.47
N ASP B 86 -25.99 -0.07 10.42
CA ASP B 86 -24.78 -0.59 11.06
C ASP B 86 -23.82 -1.31 10.13
N ASP B 87 -24.27 -1.66 8.92
CA ASP B 87 -23.38 -2.32 7.96
C ASP B 87 -22.28 -1.33 7.52
N ILE B 88 -22.58 -0.04 7.64
CA ILE B 88 -21.62 0.99 7.32
C ILE B 88 -21.40 1.84 8.56
N PRO B 89 -20.33 1.55 9.32
CA PRO B 89 -20.13 2.28 10.59
C PRO B 89 -19.81 3.74 10.38
N PRO B 90 -19.86 4.54 11.47
CA PRO B 90 -19.70 5.99 11.40
C PRO B 90 -18.43 6.44 10.68
N GLN B 91 -17.30 5.80 10.97
CA GLN B 91 -16.03 6.15 10.37
C GLN B 91 -16.08 6.05 8.84
N ALA B 92 -16.59 4.92 8.34
CA ALA B 92 -16.72 4.70 6.91
C ALA B 92 -17.71 5.69 6.33
N ARG B 93 -18.79 5.92 7.05
CA ARG B 93 -19.83 6.82 6.55
C ARG B 93 -19.27 8.24 6.43
N GLU B 94 -18.43 8.60 7.40
CA GLU B 94 -17.84 9.93 7.41
C GLU B 94 -16.93 10.14 6.19
N LEU B 95 -16.19 9.09 5.80
CA LEU B 95 -15.34 9.15 4.63
C LEU B 95 -16.15 9.37 3.35
N LEU B 96 -17.30 8.72 3.28
CA LEU B 96 -18.23 8.94 2.16
C LEU B 96 -18.71 10.39 2.11
N VAL B 97 -19.18 10.89 3.26
CA VAL B 97 -19.79 12.21 3.30
C VAL B 97 -18.78 13.31 3.06
N LYS B 98 -17.68 13.26 3.80
CA LYS B 98 -16.74 14.38 3.78
C LYS B 98 -15.66 14.27 2.70
N SER B 99 -15.22 13.06 2.38
CA SER B 99 -14.16 12.91 1.38
C SER B 99 -14.64 12.36 0.04
N LYS B 100 -15.92 11.98 -0.02
CA LYS B 100 -16.46 11.34 -1.19
C LYS B 100 -15.55 10.19 -1.60
N VAL B 101 -15.09 9.43 -0.61
CA VAL B 101 -14.12 8.35 -0.88
C VAL B 101 -14.70 7.27 -1.80
N ARG B 102 -13.85 6.79 -2.70
CA ARG B 102 -14.10 5.61 -3.52
C ARG B 102 -13.27 4.49 -2.89
N SER B 103 -13.85 3.31 -2.74
CA SER B 103 -13.22 2.21 -2.01
C SER B 103 -13.18 0.93 -2.82
N ILE B 104 -12.00 0.31 -2.86
CA ILE B 104 -11.77 -0.95 -3.55
C ILE B 104 -11.37 -2.00 -2.53
N VAL B 105 -12.18 -3.04 -2.33
CA VAL B 105 -11.81 -4.10 -1.41
C VAL B 105 -11.31 -5.30 -2.18
N ASP B 106 -10.11 -5.77 -1.80
CA ASP B 106 -9.49 -6.93 -2.39
C ASP B 106 -9.43 -8.02 -1.31
N VAL B 107 -10.34 -8.99 -1.39
CA VAL B 107 -10.42 -9.99 -0.35
C VAL B 107 -9.17 -10.83 -0.26
N ALA B 108 -8.61 -11.21 -1.40
CA ALA B 108 -7.43 -12.09 -1.39
C ALA B 108 -6.25 -11.52 -0.60
N THR B 109 -6.03 -10.22 -0.67
CA THR B 109 -4.91 -9.60 0.04
C THR B 109 -5.35 -9.02 1.40
N GLY B 110 -6.64 -8.94 1.63
CA GLY B 110 -7.17 -8.39 2.89
C GLY B 110 -6.96 -6.89 2.94
N MET B 111 -6.91 -6.26 1.78
CA MET B 111 -6.66 -4.79 1.72
C MET B 111 -7.83 -4.01 1.14
N ILE B 112 -7.93 -2.75 1.56
CA ILE B 112 -8.89 -1.81 0.97
C ILE B 112 -8.10 -0.61 0.48
N GLY B 113 -8.42 -0.20 -0.75
CA GLY B 113 -7.78 0.92 -1.39
C GLY B 113 -8.78 2.06 -1.41
N GLN B 114 -8.34 3.23 -0.99
CA GLN B 114 -9.24 4.38 -0.90
C GLN B 114 -8.64 5.58 -1.60
N SER B 115 -9.54 6.28 -2.28
CA SER B 115 -9.19 7.43 -3.10
C SER B 115 -10.24 8.50 -2.83
N PRO B 116 -9.85 9.60 -2.17
CA PRO B 116 -10.77 10.72 -2.01
C PRO B 116 -10.89 11.51 -3.30
N VAL B 117 -11.99 12.25 -3.44
CA VAL B 117 -12.11 13.18 -4.56
C VAL B 117 -11.57 14.56 -4.20
N HIS B 118 -11.94 15.04 -3.02
CA HIS B 118 -11.54 16.35 -2.50
C HIS B 118 -11.56 17.44 -3.58
N ILE B 126 -6.65 16.16 -6.79
CA ILE B 126 -5.49 15.46 -7.33
C ILE B 126 -5.11 14.32 -6.38
N SER B 127 -5.77 14.27 -5.21
CA SER B 127 -5.56 13.19 -4.25
C SER B 127 -6.17 11.89 -4.78
N GLU B 128 -5.91 11.57 -6.04
CA GLU B 128 -6.60 10.47 -6.69
C GLU B 128 -5.62 9.35 -7.02
N ASP B 129 -4.68 9.15 -6.09
CA ASP B 129 -3.83 7.99 -6.12
C ASP B 129 -4.46 7.09 -5.08
N ILE B 130 -4.52 5.82 -5.39
CA ILE B 130 -5.21 4.86 -4.56
C ILE B 130 -4.22 4.34 -3.51
N CYS B 131 -4.62 4.46 -2.26
N CYS B 131 -4.60 4.46 -2.25
CA CYS B 131 -3.78 4.12 -1.12
CA CYS B 131 -3.73 4.04 -1.16
C CYS B 131 -4.40 2.88 -0.46
C CYS B 131 -4.37 2.88 -0.43
N TYR B 132 -3.64 1.78 -0.36
CA TYR B 132 -4.15 0.53 0.21
C TYR B 132 -3.72 0.32 1.67
N ARG B 133 -4.67 -0.17 2.48
CA ARG B 133 -4.43 -0.46 3.89
C ARG B 133 -5.20 -1.71 4.28
N PRO B 134 -4.91 -2.29 5.44
CA PRO B 134 -5.68 -3.47 5.84
C PRO B 134 -7.14 -3.11 6.07
N VAL B 135 -8.05 -3.95 5.56
CA VAL B 135 -9.48 -3.76 5.76
C VAL B 135 -9.96 -4.52 7.00
N ASP B 136 -10.92 -3.94 7.70
CA ASP B 136 -11.50 -4.61 8.88
C ASP B 136 -12.05 -6.00 8.52
N SER B 137 -11.76 -6.97 9.37
CA SER B 137 -12.14 -8.36 9.12
C SER B 137 -13.67 -8.52 9.10
N CYS B 138 -14.40 -7.64 9.78
CA CYS B 138 -15.86 -7.75 9.72
C CYS B 138 -16.36 -7.58 8.29
N HIS B 139 -15.78 -6.60 7.60
CA HIS B 139 -16.16 -6.26 6.24
C HIS B 139 -15.69 -7.33 5.26
N VAL B 140 -14.51 -7.89 5.49
CA VAL B 140 -14.06 -9.02 4.69
C VAL B 140 -15.03 -10.18 4.79
N GLU B 141 -15.43 -10.48 6.02
CA GLU B 141 -16.34 -11.61 6.26
C GLU B 141 -17.70 -11.36 5.63
N TYR B 142 -18.15 -10.11 5.67
CA TYR B 142 -19.41 -9.68 5.05
C TYR B 142 -19.44 -9.95 3.54
N LEU B 143 -18.35 -9.56 2.90
CA LEU B 143 -18.22 -9.73 1.45
C LEU B 143 -18.09 -11.22 1.10
N THR B 144 -17.28 -11.94 1.86
CA THR B 144 -17.11 -13.38 1.62
C THR B 144 -18.45 -14.13 1.75
N ALA B 145 -19.28 -13.72 2.68
CA ALA B 145 -20.55 -14.38 2.87
C ALA B 145 -21.45 -14.20 1.65
N MET B 146 -21.25 -13.11 0.92
CA MET B 146 -22.06 -12.82 -0.26
C MET B 146 -21.48 -13.51 -1.50
N GLY B 147 -20.31 -14.11 -1.35
CA GLY B 147 -19.58 -14.71 -2.47
C GLY B 147 -18.78 -13.71 -3.27
N VAL B 148 -18.49 -12.57 -2.67
CA VAL B 148 -17.80 -11.47 -3.36
C VAL B 148 -16.30 -11.47 -3.03
N LYS B 149 -15.45 -11.45 -4.05
CA LYS B 149 -14.00 -11.35 -3.83
C LYS B 149 -13.44 -9.94 -4.14
N SER B 150 -14.20 -9.14 -4.87
CA SER B 150 -13.81 -7.81 -5.23
C SER B 150 -15.02 -6.89 -5.13
N SER B 151 -14.86 -5.78 -4.41
CA SER B 151 -15.91 -4.75 -4.28
C SER B 151 -15.36 -3.39 -4.62
N VAL B 152 -16.13 -2.61 -5.39
CA VAL B 152 -15.78 -1.22 -5.67
C VAL B 152 -17.03 -0.36 -5.44
N VAL B 153 -16.91 0.69 -4.64
CA VAL B 153 -18.04 1.51 -4.24
C VAL B 153 -17.71 2.98 -4.45
N ALA B 154 -18.64 3.71 -5.07
CA ALA B 154 -18.55 5.16 -5.17
C ALA B 154 -19.88 5.76 -4.71
N PRO B 155 -19.81 6.79 -3.86
CA PRO B 155 -21.06 7.38 -3.37
C PRO B 155 -21.78 8.24 -4.41
N ILE B 156 -23.10 8.30 -4.30
CA ILE B 156 -23.95 9.15 -5.13
C ILE B 156 -24.53 10.26 -4.25
N PHE B 157 -24.42 11.51 -4.69
CA PHE B 157 -24.94 12.67 -3.99
C PHE B 157 -26.10 13.29 -4.75
N CYS B 158 -26.93 14.02 -4.03
CA CYS B 158 -27.90 14.90 -4.66
C CYS B 158 -27.69 16.23 -4.01
N GLN B 159 -27.25 17.17 -4.84
CA GLN B 159 -26.70 18.41 -4.33
C GLN B 159 -25.55 18.03 -3.38
N ASP B 160 -25.63 18.38 -2.10
CA ASP B 160 -24.52 18.10 -1.20
C ASP B 160 -24.79 16.93 -0.27
N GLU B 161 -25.91 16.24 -0.47
CA GLU B 161 -26.34 15.19 0.45
C GLU B 161 -26.08 13.80 -0.09
N LEU B 162 -25.58 12.93 0.77
CA LEU B 162 -25.34 11.55 0.40
C LEU B 162 -26.67 10.87 0.12
N TRP B 163 -26.83 10.41 -1.11
CA TRP B 163 -28.10 9.86 -1.60
C TRP B 163 -28.06 8.35 -1.68
N GLY B 164 -26.91 7.81 -2.09
CA GLY B 164 -26.76 6.37 -2.29
C GLY B 164 -25.37 5.94 -2.66
N LEU B 165 -25.23 4.72 -3.19
CA LEU B 165 -23.97 4.14 -3.61
C LEU B 165 -24.11 3.44 -4.96
N LEU B 166 -23.08 3.55 -5.79
CA LEU B 166 -22.89 2.69 -6.94
C LEU B 166 -21.95 1.57 -6.50
N VAL B 167 -22.41 0.33 -6.57
CA VAL B 167 -21.67 -0.81 -6.01
C VAL B 167 -21.34 -1.83 -7.10
N SER B 168 -20.07 -2.19 -7.21
CA SER B 168 -19.66 -3.18 -8.19
C SER B 168 -19.03 -4.37 -7.47
N HIS B 169 -19.64 -5.55 -7.63
CA HIS B 169 -19.19 -6.80 -7.02
C HIS B 169 -18.70 -7.82 -8.05
N HIS B 170 -17.66 -8.58 -7.71
CA HIS B 170 -17.20 -9.64 -8.60
C HIS B 170 -16.90 -10.90 -7.82
N SER B 171 -17.22 -12.04 -8.42
CA SER B 171 -17.03 -13.33 -7.76
C SER B 171 -15.60 -13.85 -7.79
N GLU B 172 -14.73 -13.17 -8.52
CA GLU B 172 -13.32 -13.53 -8.58
C GLU B 172 -12.44 -12.33 -8.29
N ASN B 173 -11.19 -12.59 -7.90
CA ASN B 173 -10.25 -11.54 -7.62
C ASN B 173 -10.11 -10.74 -8.89
N ARG B 174 -9.93 -9.43 -8.76
CA ARG B 174 -9.62 -8.61 -9.92
C ARG B 174 -8.88 -7.36 -9.45
N THR B 175 -8.13 -6.77 -10.37
CA THR B 175 -7.47 -5.50 -10.12
C THR B 175 -8.37 -4.38 -10.61
N VAL B 176 -8.26 -3.23 -9.95
CA VAL B 176 -9.08 -2.07 -10.29
C VAL B 176 -8.13 -0.90 -10.52
N SER B 177 -8.23 -0.31 -11.70
CA SER B 177 -7.36 0.77 -12.12
C SER B 177 -7.97 2.13 -11.81
N GLU B 178 -7.13 3.17 -11.83
CA GLU B 178 -7.61 4.54 -11.71
C GLU B 178 -8.64 4.90 -12.80
N ASP B 179 -8.43 4.42 -14.03
CA ASP B 179 -9.41 4.68 -15.10
C ASP B 179 -10.79 4.17 -14.76
N GLU B 180 -10.85 3.00 -14.13
CA GLU B 180 -12.13 2.47 -13.75
C GLU B 180 -12.81 3.32 -12.66
N LEU B 181 -12.05 3.84 -11.71
CA LEU B 181 -12.62 4.70 -10.70
C LEU B 181 -13.09 5.99 -11.35
N GLU B 182 -12.35 6.48 -12.34
CA GLU B 182 -12.73 7.73 -13.03
C GLU B 182 -14.06 7.53 -13.74
N ALA B 183 -14.22 6.38 -14.38
CA ALA B 183 -15.50 6.06 -15.06
C ALA B 183 -16.65 6.03 -14.09
N MET B 184 -16.46 5.35 -12.97
CA MET B 184 -17.50 5.32 -11.94
C MET B 184 -17.80 6.73 -11.39
N GLN B 185 -16.78 7.55 -11.25
CA GLN B 185 -16.97 8.88 -10.70
C GLN B 185 -17.79 9.74 -11.65
N MET B 186 -17.51 9.61 -12.95
CA MET B 186 -18.27 10.36 -13.94
C MET B 186 -19.71 9.91 -13.94
N ILE B 187 -19.91 8.61 -13.83
CA ILE B 187 -21.26 8.07 -13.82
C ILE B 187 -22.04 8.56 -12.60
N VAL B 188 -21.45 8.53 -11.40
CA VAL B 188 -22.23 8.96 -10.23
C VAL B 188 -22.45 10.48 -10.27
N ASP B 189 -21.51 11.25 -10.86
CA ASP B 189 -21.72 12.69 -11.04
C ASP B 189 -22.89 12.96 -11.97
N GLN B 190 -22.99 12.18 -13.05
CA GLN B 190 -24.08 12.36 -14.01
C GLN B 190 -25.44 11.92 -13.42
N LEU B 191 -25.43 10.87 -12.61
CA LEU B 191 -26.65 10.46 -11.89
C LEU B 191 -27.11 11.50 -10.89
N ALA B 192 -26.17 12.17 -10.23
CA ALA B 192 -26.51 13.27 -9.34
C ALA B 192 -27.27 14.34 -10.07
N VAL B 193 -26.83 14.62 -11.29
CA VAL B 193 -27.56 15.60 -12.11
C VAL B 193 -28.97 15.09 -12.43
N ALA B 194 -29.10 13.82 -12.77
CA ALA B 194 -30.41 13.23 -13.06
C ALA B 194 -31.36 13.33 -11.87
N ILE B 195 -30.86 12.98 -10.69
CA ILE B 195 -31.65 13.04 -9.45
C ILE B 195 -32.07 14.49 -9.12
N ALA B 196 -31.12 15.43 -9.15
CA ALA B 196 -31.46 16.82 -8.90
C ALA B 196 -32.47 17.35 -9.91
N GLN B 197 -32.27 17.04 -11.20
CA GLN B 197 -33.21 17.55 -12.20
C GLN B 197 -34.62 16.96 -12.00
N SER B 198 -34.70 15.68 -11.71
CA SER B 198 -36.01 15.06 -11.46
C SER B 198 -36.71 15.72 -10.26
N HIS B 199 -36.01 15.97 -9.17
CA HIS B 199 -36.62 16.67 -8.02
C HIS B 199 -37.15 18.05 -8.42
N LEU B 200 -36.38 18.77 -9.24
CA LEU B 200 -36.80 20.10 -9.67
C LEU B 200 -38.03 20.05 -10.57
N GLU B 201 -38.11 19.01 -11.39
CA GLU B 201 -39.23 18.91 -12.33
C GLU B 201 -40.52 18.45 -11.64
N HIS B 202 -40.39 17.79 -10.51
CA HIS B 202 -41.53 17.26 -9.78
C HIS B 202 -41.85 18.02 -8.49
N HIS B 203 -41.75 19.36 -8.56
CA HIS B 203 -41.98 20.29 -7.43
C HIS B 203 -40.69 20.52 -6.63
N VAL C 11 26.65 -1.47 -0.98
CA VAL C 11 25.56 -1.43 -1.95
C VAL C 11 25.71 -0.16 -2.80
N SER C 12 26.20 0.92 -2.18
CA SER C 12 26.43 2.19 -2.87
C SER C 12 27.88 2.29 -3.35
N LEU C 13 28.84 1.82 -2.55
CA LEU C 13 30.22 1.73 -2.99
C LEU C 13 30.29 0.62 -4.06
N ASN C 14 29.44 -0.38 -3.88
CA ASN C 14 29.32 -1.41 -4.88
C ASN C 14 28.54 -0.98 -6.12
N GLN C 15 27.44 -0.24 -6.01
CA GLN C 15 26.72 0.13 -7.25
C GLN C 15 27.63 1.00 -8.12
N GLU C 16 28.44 1.86 -7.50
CA GLU C 16 29.34 2.75 -8.23
C GLU C 16 30.37 1.91 -9.01
N SER C 17 30.84 0.83 -8.39
CA SER C 17 31.83 0.01 -9.03
C SER C 17 31.21 -0.77 -10.22
N VAL C 18 29.95 -1.18 -10.10
CA VAL C 18 29.27 -1.81 -11.22
C VAL C 18 29.16 -0.87 -12.42
N LEU C 19 28.84 0.39 -12.16
CA LEU C 19 28.71 1.36 -13.22
C LEU C 19 30.05 1.59 -13.91
N ARG C 20 31.13 1.67 -13.11
CA ARG C 20 32.46 1.89 -13.64
C ARG C 20 32.88 0.72 -14.49
N ARG C 21 32.49 -0.49 -14.09
CA ARG C 21 32.90 -1.66 -14.83
C ARG C 21 32.16 -1.72 -16.19
N ILE C 22 30.91 -1.26 -16.25
CA ILE C 22 30.23 -1.17 -17.55
C ILE C 22 30.92 -0.15 -18.43
N THR C 23 31.25 0.98 -17.85
N THR C 23 31.27 1.00 -17.89
CA THR C 23 31.87 2.05 -18.60
CA THR C 23 31.87 2.03 -18.73
C THR C 23 33.21 1.59 -19.17
C THR C 23 33.24 1.56 -19.23
N ALA C 24 33.97 0.80 -18.42
CA ALA C 24 35.25 0.29 -18.88
C ALA C 24 35.06 -0.56 -20.12
N ARG C 25 33.99 -1.36 -20.15
CA ARG C 25 33.72 -2.21 -21.30
C ARG C 25 33.34 -1.41 -22.54
N ILE C 26 32.57 -0.36 -22.33
CA ILE C 26 32.24 0.55 -23.43
C ILE C 26 33.51 1.17 -24.01
N ARG C 27 34.37 1.66 -23.13
CA ARG C 27 35.61 2.33 -23.53
C ARG C 27 36.57 1.40 -24.25
N GLN C 28 36.53 0.11 -23.93
CA GLN C 28 37.35 -0.88 -24.61
C GLN C 28 36.75 -1.36 -25.95
N SER C 29 35.61 -0.78 -26.33
CA SER C 29 34.88 -1.10 -27.57
C SER C 29 34.42 -2.56 -27.69
N LEU C 30 34.03 -3.16 -26.57
CA LEU C 30 33.40 -4.47 -26.63
C LEU C 30 32.08 -4.42 -27.38
N GLU C 31 31.76 -5.52 -28.06
CA GLU C 31 30.46 -5.71 -28.68
C GLU C 31 29.39 -5.59 -27.61
N LEU C 32 28.27 -4.97 -27.96
CA LEU C 32 27.21 -4.74 -27.01
C LEU C 32 26.76 -6.05 -26.33
N GLU C 33 26.65 -7.11 -27.10
CA GLU C 33 26.22 -8.40 -26.52
C GLU C 33 27.17 -8.84 -25.42
N ASP C 34 28.46 -8.59 -25.59
CA ASP C 34 29.45 -8.95 -24.56
C ASP C 34 29.38 -8.04 -23.36
N ILE C 35 29.11 -6.75 -23.59
CA ILE C 35 28.93 -5.85 -22.47
C ILE C 35 27.74 -6.29 -21.62
N ILE C 36 26.66 -6.68 -22.28
CA ILE C 36 25.43 -7.05 -21.58
C ILE C 36 25.61 -8.36 -20.80
N THR C 37 26.27 -9.32 -21.42
CA THR C 37 26.52 -10.64 -20.80
C THR C 37 27.38 -10.47 -19.54
N ALA C 38 28.47 -9.74 -19.66
CA ALA C 38 29.40 -9.62 -18.53
C ALA C 38 28.77 -8.85 -17.39
N THR C 39 27.82 -7.98 -17.72
CA THR C 39 27.26 -7.10 -16.73
C THR C 39 26.26 -7.80 -15.82
N THR C 40 25.51 -8.75 -16.35
CA THR C 40 24.49 -9.38 -15.52
CA THR C 40 24.48 -9.42 -15.56
C THR C 40 25.12 -10.10 -14.33
N ALA C 41 26.31 -10.67 -14.48
CA ALA C 41 26.94 -11.37 -13.34
C ALA C 41 27.32 -10.41 -12.21
N GLU C 42 27.80 -9.23 -12.58
CA GLU C 42 28.17 -8.23 -11.59
C GLU C 42 26.91 -7.68 -10.94
N VAL C 43 25.85 -7.55 -11.70
CA VAL C 43 24.60 -7.08 -11.09
C VAL C 43 24.04 -8.08 -10.10
N ARG C 44 24.13 -9.37 -10.42
CA ARG C 44 23.57 -10.38 -9.52
C ARG C 44 24.33 -10.36 -8.21
N ALA C 45 25.66 -10.22 -8.32
CA ALA C 45 26.48 -10.19 -7.14
C ALA C 45 26.12 -8.99 -6.27
N LEU C 46 25.80 -7.86 -6.90
CA LEU C 46 25.41 -6.66 -6.17
C LEU C 46 24.09 -6.85 -5.43
N LEU C 47 23.09 -7.38 -6.11
CA LEU C 47 21.76 -7.50 -5.52
C LEU C 47 21.61 -8.73 -4.65
N GLY C 48 22.41 -9.76 -4.94
CA GLY C 48 22.45 -10.96 -4.12
C GLY C 48 21.30 -11.93 -4.33
N THR C 49 20.56 -11.74 -5.40
CA THR C 49 19.38 -12.55 -5.68
C THR C 49 19.74 -13.79 -6.50
N ASP C 50 18.80 -14.73 -6.58
CA ASP C 50 19.10 -16.04 -7.17
C ASP C 50 19.26 -15.99 -8.68
N ARG C 51 18.57 -15.08 -9.36
CA ARG C 51 18.57 -15.05 -10.83
C ARG C 51 18.34 -13.62 -11.31
N VAL C 52 19.29 -13.09 -12.07
CA VAL C 52 19.16 -11.77 -12.70
C VAL C 52 19.26 -12.00 -14.20
N MET C 53 18.38 -11.35 -14.94
CA MET C 53 18.30 -11.52 -16.40
C MET C 53 18.16 -10.18 -17.09
N ILE C 54 18.64 -10.10 -18.32
CA ILE C 54 18.28 -8.98 -19.18
C ILE C 54 17.43 -9.57 -20.30
N TYR C 55 16.27 -8.95 -20.48
CA TYR C 55 15.23 -9.37 -21.40
C TYR C 55 15.18 -8.34 -22.51
N LYS C 56 15.24 -8.76 -23.77
CA LYS C 56 15.26 -7.82 -24.89
C LYS C 56 13.97 -7.97 -25.70
N PHE C 57 13.28 -6.86 -25.94
CA PHE C 57 12.02 -6.92 -26.69
C PHE C 57 12.25 -7.06 -28.19
N HIS C 58 11.41 -7.87 -28.81
CA HIS C 58 11.24 -7.93 -30.26
C HIS C 58 10.25 -6.85 -30.70
N PRO C 59 10.25 -6.49 -31.98
CA PRO C 59 9.30 -5.49 -32.45
C PRO C 59 7.82 -5.78 -32.15
N ASP C 60 7.41 -7.05 -32.15
CA ASP C 60 6.01 -7.38 -31.92
C ASP C 60 5.64 -7.41 -30.42
N GLY C 61 6.60 -7.08 -29.55
CA GLY C 61 6.34 -7.01 -28.12
C GLY C 61 6.68 -8.27 -27.34
N SER C 62 6.91 -9.37 -28.05
CA SER C 62 7.51 -10.55 -27.46
C SER C 62 8.93 -10.22 -27.13
N GLY C 63 9.62 -11.16 -26.51
CA GLY C 63 10.98 -10.90 -26.15
C GLY C 63 11.77 -12.15 -25.81
N GLN C 64 13.05 -11.94 -25.50
CA GLN C 64 13.98 -13.02 -25.27
C GLN C 64 14.95 -12.71 -24.11
N VAL C 65 15.24 -13.73 -23.31
CA VAL C 65 16.24 -13.60 -22.29
C VAL C 65 17.59 -13.69 -22.98
N ILE C 66 18.33 -12.59 -23.01
CA ILE C 66 19.60 -12.57 -23.76
C ILE C 66 20.81 -12.62 -22.85
N ALA C 67 20.60 -12.43 -21.54
CA ALA C 67 21.68 -12.61 -20.57
C ALA C 67 21.10 -13.01 -19.22
N GLU C 68 21.88 -13.79 -18.47
CA GLU C 68 21.41 -14.37 -17.23
C GLU C 68 22.57 -14.75 -16.32
N SER C 69 22.41 -14.48 -15.02
CA SER C 69 23.33 -14.96 -14.03
C SER C 69 22.55 -15.54 -12.85
N ILE C 70 22.88 -16.77 -12.51
CA ILE C 70 22.21 -17.51 -11.46
C ILE C 70 23.20 -17.93 -10.38
N HIS C 71 22.76 -17.86 -9.14
CA HIS C 71 23.55 -18.28 -8.00
C HIS C 71 23.41 -19.77 -7.74
N GLU C 72 24.48 -20.53 -7.91
CA GLU C 72 24.53 -21.95 -7.50
C GLU C 72 23.37 -22.77 -8.07
N ASN C 73 23.06 -22.53 -9.35
CA ASN C 73 21.99 -23.28 -10.03
C ASN C 73 20.72 -23.29 -9.24
N ARG C 74 20.42 -22.22 -8.52
CA ARG C 74 19.30 -22.33 -7.58
C ARG C 74 17.98 -22.37 -8.31
N LEU C 75 17.92 -21.72 -9.47
CA LEU C 75 16.72 -21.78 -10.31
C LEU C 75 17.16 -22.17 -11.71
N PRO C 76 16.26 -22.73 -12.52
CA PRO C 76 16.66 -23.13 -13.86
C PRO C 76 17.01 -21.95 -14.74
N SER C 77 17.76 -22.27 -15.78
CA SER C 77 18.21 -21.25 -16.71
C SER C 77 17.14 -20.93 -17.74
N LEU C 78 16.89 -19.64 -17.92
CA LEU C 78 15.91 -19.19 -18.91
C LEU C 78 16.61 -18.54 -20.11
N LEU C 79 17.94 -18.57 -20.12
CA LEU C 79 18.71 -17.95 -21.18
C LEU C 79 18.29 -18.48 -22.55
N GLY C 80 18.08 -17.56 -23.49
CA GLY C 80 17.71 -17.95 -24.85
C GLY C 80 16.22 -18.17 -25.02
N LEU C 81 15.46 -18.25 -23.94
CA LEU C 81 14.03 -18.51 -24.10
C LEU C 81 13.30 -17.26 -24.56
N ASN C 82 12.28 -17.49 -25.40
CA ASN C 82 11.38 -16.44 -25.87
C ASN C 82 10.07 -16.44 -25.11
N PHE C 83 9.54 -15.26 -24.85
CA PHE C 83 8.24 -15.16 -24.20
C PHE C 83 7.31 -14.27 -25.02
N PRO C 84 6.02 -14.63 -25.08
CA PRO C 84 5.08 -13.90 -25.94
C PRO C 84 4.71 -12.51 -25.41
N ALA C 85 4.22 -11.68 -26.32
CA ALA C 85 3.77 -10.33 -25.98
C ALA C 85 2.72 -10.38 -24.88
N ASP C 86 1.86 -11.39 -24.92
CA ASP C 86 0.73 -11.48 -23.99
C ASP C 86 1.16 -11.62 -22.52
N ASP C 87 2.41 -11.97 -22.27
CA ASP C 87 2.88 -12.10 -20.90
C ASP C 87 2.90 -10.74 -20.19
N ILE C 88 3.02 -9.68 -20.99
CA ILE C 88 2.97 -8.30 -20.49
C ILE C 88 1.81 -7.59 -21.21
N PRO C 89 0.62 -7.58 -20.60
CA PRO C 89 -0.57 -7.01 -21.26
C PRO C 89 -0.45 -5.50 -21.45
N PRO C 90 -1.33 -4.91 -22.27
CA PRO C 90 -1.25 -3.48 -22.59
C PRO C 90 -1.17 -2.55 -21.37
N GLN C 91 -1.98 -2.77 -20.35
CA GLN C 91 -1.94 -1.88 -19.18
C GLN C 91 -0.54 -1.82 -18.59
N ALA C 92 0.04 -3.00 -18.36
CA ALA C 92 1.38 -3.11 -17.79
C ALA C 92 2.40 -2.48 -18.71
N ARG C 93 2.26 -2.74 -20.00
CA ARG C 93 3.23 -2.26 -20.98
C ARG C 93 3.21 -0.74 -21.03
N GLU C 94 2.01 -0.17 -20.94
CA GLU C 94 1.87 1.28 -20.95
C GLU C 94 2.56 1.93 -19.75
N LEU C 95 2.49 1.28 -18.58
CA LEU C 95 3.18 1.81 -17.41
C LEU C 95 4.68 1.84 -17.62
N LEU C 96 5.19 0.80 -18.26
CA LEU C 96 6.61 0.73 -18.60
C LEU C 96 6.99 1.87 -19.55
N VAL C 97 6.22 2.04 -20.63
CA VAL C 97 6.56 2.99 -21.69
C VAL C 97 6.37 4.45 -21.26
N LYS C 98 5.23 4.75 -20.64
CA LYS C 98 4.86 6.12 -20.28
C LYS C 98 5.36 6.60 -18.93
N SER C 99 5.42 5.71 -17.94
CA SER C 99 5.87 6.12 -16.61
C SER C 99 7.26 5.57 -16.25
N LYS C 100 7.83 4.72 -17.11
CA LYS C 100 9.08 4.08 -16.81
C LYS C 100 9.05 3.45 -15.41
N VAL C 101 7.93 2.80 -15.11
CA VAL C 101 7.73 2.23 -13.79
C VAL C 101 8.76 1.13 -13.45
N ARG C 102 9.20 1.11 -12.19
CA ARG C 102 9.95 0.02 -11.60
C ARG C 102 8.96 -0.73 -10.72
N SER C 103 9.00 -2.05 -10.74
CA SER C 103 7.98 -2.86 -10.07
C SER C 103 8.58 -3.91 -9.17
N ILE C 104 8.05 -4.01 -7.95
CA ILE C 104 8.42 -5.01 -6.96
C ILE C 104 7.21 -5.90 -6.66
N VAL C 105 7.28 -7.19 -6.98
CA VAL C 105 6.19 -8.12 -6.66
C VAL C 105 6.58 -8.91 -5.44
N ASP C 106 5.68 -8.92 -4.46
CA ASP C 106 5.85 -9.65 -3.23
C ASP C 106 4.78 -10.72 -3.18
N VAL C 107 5.16 -11.92 -3.55
CA VAL C 107 4.19 -13.00 -3.68
C VAL C 107 3.48 -13.31 -2.37
N ALA C 108 4.20 -13.31 -1.26
CA ALA C 108 3.59 -13.64 0.04
C ALA C 108 2.42 -12.75 0.40
N THR C 109 2.50 -11.46 0.11
CA THR C 109 1.41 -10.52 0.44
C THR C 109 0.43 -10.31 -0.71
N GLY C 110 0.82 -10.78 -1.90
CA GLY C 110 0.00 -10.59 -3.10
C GLY C 110 -0.01 -9.16 -3.59
N MET C 111 1.05 -8.43 -3.28
CA MET C 111 1.13 -7.01 -3.61
C MET C 111 2.25 -6.70 -4.60
N ILE C 112 2.05 -5.64 -5.39
CA ILE C 112 3.09 -5.15 -6.30
C ILE C 112 3.30 -3.69 -5.96
N GLY C 113 4.56 -3.28 -5.87
CA GLY C 113 4.91 -1.93 -5.54
C GLY C 113 5.49 -1.28 -6.77
N GLN C 114 5.03 -0.08 -7.09
CA GLN C 114 5.45 0.56 -8.32
C GLN C 114 5.89 1.96 -8.05
N SER C 115 6.98 2.32 -8.72
CA SER C 115 7.61 3.61 -8.53
C SER C 115 7.95 4.16 -9.91
N PRO C 116 7.28 5.24 -10.33
CA PRO C 116 7.66 5.89 -11.58
C PRO C 116 8.94 6.66 -11.39
N VAL C 117 9.66 6.89 -12.47
CA VAL C 117 10.78 7.82 -12.47
C VAL C 117 10.19 9.20 -12.76
N HIS C 118 9.24 9.18 -13.70
CA HIS C 118 8.53 10.37 -14.18
C HIS C 118 7.19 9.81 -14.68
N ASP C 119 6.08 10.46 -14.34
CA ASP C 119 4.79 9.76 -14.28
C ASP C 119 3.69 10.14 -15.29
N LEU C 120 2.91 11.18 -15.02
CA LEU C 120 1.58 11.34 -15.62
C LEU C 120 1.59 11.81 -17.08
N GLU C 121 0.56 11.38 -17.82
CA GLU C 121 0.41 11.65 -19.25
C GLU C 121 0.24 13.13 -19.57
N THR C 122 0.94 13.57 -20.64
CA THR C 122 0.98 14.97 -21.08
C THR C 122 0.76 15.99 -19.97
N GLY C 123 1.39 15.72 -18.83
CA GLY C 123 1.38 16.62 -17.69
C GLY C 123 2.74 16.54 -17.02
N GLU C 124 2.94 17.27 -15.93
CA GLU C 124 4.24 17.24 -15.27
C GLU C 124 4.52 15.86 -14.70
N LEU C 125 5.66 15.31 -15.08
CA LEU C 125 6.08 13.99 -14.62
C LEU C 125 6.96 14.13 -13.37
N ILE C 126 6.63 13.39 -12.32
CA ILE C 126 7.30 13.55 -11.02
C ILE C 126 7.75 12.21 -10.41
N SER C 127 8.95 12.22 -9.83
CA SER C 127 9.53 11.06 -9.13
C SER C 127 8.82 10.77 -7.80
N GLU C 128 8.47 9.51 -7.56
CA GLU C 128 7.58 9.15 -6.46
C GLU C 128 8.23 8.25 -5.40
N ASP C 129 7.40 7.80 -4.45
CA ASP C 129 7.76 6.79 -3.47
C ASP C 129 7.11 5.51 -3.96
N ILE C 130 7.44 4.37 -3.35
CA ILE C 130 6.90 3.11 -3.82
C ILE C 130 5.54 2.91 -3.20
N CYS C 131 4.55 2.69 -4.07
N CYS C 131 4.54 2.70 -4.04
CA CYS C 131 3.14 2.52 -3.67
CA CYS C 131 3.18 2.47 -3.56
C CYS C 131 2.69 1.08 -3.97
C CYS C 131 2.73 1.07 -3.94
N TYR C 132 2.15 0.39 -2.96
CA TYR C 132 1.77 -1.02 -3.13
C TYR C 132 0.26 -1.21 -3.35
N ARG C 133 -0.08 -2.12 -4.25
CA ARG C 133 -1.46 -2.45 -4.59
C ARG C 133 -1.55 -3.95 -4.84
N PRO C 134 -2.77 -4.50 -4.89
CA PRO C 134 -2.86 -5.94 -5.21
C PRO C 134 -2.37 -6.22 -6.62
N VAL C 135 -1.59 -7.28 -6.78
CA VAL C 135 -1.08 -7.66 -8.09
C VAL C 135 -2.05 -8.66 -8.72
N ASP C 136 -2.19 -8.62 -10.04
CA ASP C 136 -3.07 -9.55 -10.76
C ASP C 136 -2.72 -11.00 -10.48
N SER C 137 -3.73 -11.82 -10.22
CA SER C 137 -3.49 -13.22 -9.88
CA SER C 137 -3.49 -13.22 -9.89
C SER C 137 -2.77 -13.98 -10.99
N CYS C 138 -2.96 -13.58 -12.24
CA CYS C 138 -2.29 -14.29 -13.34
C CYS C 138 -0.79 -14.16 -13.20
N HIS C 139 -0.33 -12.97 -12.83
CA HIS C 139 1.09 -12.69 -12.68
C HIS C 139 1.66 -13.39 -11.43
N VAL C 140 0.88 -13.45 -10.35
CA VAL C 140 1.31 -14.21 -9.18
C VAL C 140 1.52 -15.66 -9.56
N GLU C 141 0.56 -16.21 -10.30
CA GLU C 141 0.60 -17.63 -10.68
C GLU C 141 1.80 -17.90 -11.61
N TYR C 142 2.09 -16.95 -12.49
CA TYR C 142 3.22 -17.01 -13.40
C TYR C 142 4.53 -17.11 -12.63
N LEU C 143 4.68 -16.26 -11.61
CA LEU C 143 5.92 -16.26 -10.81
C LEU C 143 5.99 -17.53 -9.94
N THR C 144 4.88 -17.88 -9.30
CA THR C 144 4.85 -19.06 -8.45
C THR C 144 5.21 -20.34 -9.27
N ALA C 145 4.80 -20.41 -10.54
CA ALA C 145 5.09 -21.57 -11.36
C ALA C 145 6.59 -21.73 -11.57
N MET C 146 7.34 -20.63 -11.48
CA MET C 146 8.81 -20.60 -11.63
C MET C 146 9.55 -20.78 -10.28
N GLY C 147 8.80 -20.81 -9.20
CA GLY C 147 9.39 -20.91 -7.88
C GLY C 147 9.91 -19.56 -7.37
N VAL C 148 9.42 -18.48 -7.96
CA VAL C 148 9.88 -17.11 -7.62
C VAL C 148 8.93 -16.52 -6.56
N LYS C 149 9.48 -16.03 -5.45
CA LYS C 149 8.72 -15.34 -4.41
C LYS C 149 8.89 -13.83 -4.42
N SER C 150 9.95 -13.37 -5.10
CA SER C 150 10.25 -11.95 -5.22
C SER C 150 10.71 -11.63 -6.61
N SER C 151 10.09 -10.63 -7.23
CA SER C 151 10.50 -10.18 -8.55
C SER C 151 10.70 -8.67 -8.53
N VAL C 152 11.76 -8.18 -9.16
CA VAL C 152 11.99 -6.74 -9.29
C VAL C 152 12.37 -6.47 -10.73
N VAL C 153 11.66 -5.53 -11.36
CA VAL C 153 11.88 -5.22 -12.78
C VAL C 153 12.07 -3.72 -12.99
N ALA C 154 13.10 -3.37 -13.76
CA ALA C 154 13.28 -2.00 -14.22
C ALA C 154 13.48 -1.99 -15.74
N PRO C 155 12.78 -1.10 -16.43
CA PRO C 155 12.88 -1.05 -17.89
C PRO C 155 14.18 -0.44 -18.37
N ILE C 156 14.62 -0.88 -19.53
CA ILE C 156 15.77 -0.35 -20.23
C ILE C 156 15.27 0.36 -21.48
N PHE C 157 15.69 1.61 -21.67
CA PHE C 157 15.28 2.40 -22.82
C PHE C 157 16.48 2.66 -23.71
N CYS C 158 16.23 2.86 -24.99
CA CYS C 158 17.24 3.40 -25.88
C CYS C 158 16.60 4.58 -26.52
N GLN C 159 17.08 5.77 -26.15
CA GLN C 159 16.39 7.01 -26.46
C GLN C 159 14.95 6.91 -25.91
N ASP C 160 13.94 6.94 -26.78
CA ASP C 160 12.56 6.89 -26.28
C ASP C 160 11.89 5.52 -26.45
N GLU C 161 12.66 4.53 -26.88
CA GLU C 161 12.09 3.22 -27.18
C GLU C 161 12.33 2.26 -26.02
N LEU C 162 11.29 1.54 -25.63
CA LEU C 162 11.43 0.49 -24.63
C LEU C 162 12.23 -0.65 -25.25
N TRP C 163 13.42 -0.85 -24.76
CA TRP C 163 14.36 -1.78 -25.38
C TRP C 163 14.36 -3.13 -24.68
N GLY C 164 14.22 -3.12 -23.36
CA GLY C 164 14.27 -4.38 -22.60
C GLY C 164 13.95 -4.17 -21.15
N LEU C 165 14.27 -5.18 -20.34
CA LEU C 165 14.05 -5.15 -18.89
C LEU C 165 15.25 -5.71 -18.17
N LEU C 166 15.58 -5.13 -17.03
CA LEU C 166 16.44 -5.76 -16.04
C LEU C 166 15.54 -6.44 -15.03
N VAL C 167 15.69 -7.76 -14.91
CA VAL C 167 14.80 -8.59 -14.10
C VAL C 167 15.57 -9.32 -12.99
N SER C 168 15.11 -9.19 -11.75
CA SER C 168 15.74 -9.83 -10.61
C SER C 168 14.72 -10.74 -9.91
N HIS C 169 14.98 -12.04 -9.92
CA HIS C 169 14.12 -13.05 -9.31
C HIS C 169 14.78 -13.66 -8.08
N HIS C 170 13.99 -13.96 -7.05
CA HIS C 170 14.48 -14.65 -5.87
C HIS C 170 13.50 -15.68 -5.39
N SER C 171 14.03 -16.81 -4.94
CA SER C 171 13.22 -17.97 -4.50
C SER C 171 12.66 -17.82 -3.09
N GLU C 172 13.06 -16.76 -2.41
CA GLU C 172 12.64 -16.51 -1.05
C GLU C 172 12.09 -15.12 -0.88
N ASN C 173 11.24 -14.99 0.12
CA ASN C 173 10.62 -13.70 0.45
CA ASN C 173 10.63 -13.71 0.49
C ASN C 173 11.70 -12.66 0.75
N ARG C 174 11.51 -11.45 0.24
CA ARG C 174 12.39 -10.39 0.70
C ARG C 174 11.72 -9.05 0.57
N THR C 175 12.28 -8.08 1.29
CA THR C 175 11.85 -6.69 1.19
C THR C 175 12.78 -5.96 0.25
N VAL C 176 12.25 -4.96 -0.44
CA VAL C 176 13.06 -4.20 -1.38
C VAL C 176 12.96 -2.75 -1.03
N SER C 177 14.12 -2.14 -0.85
CA SER C 177 14.25 -0.75 -0.45
C SER C 177 14.37 0.19 -1.64
N GLU C 178 14.13 1.47 -1.37
CA GLU C 178 14.34 2.50 -2.39
C GLU C 178 15.75 2.49 -2.91
N ASP C 179 16.72 2.25 -2.02
CA ASP C 179 18.13 2.26 -2.42
C ASP C 179 18.43 1.20 -3.45
N GLU C 180 17.81 0.04 -3.32
CA GLU C 180 17.96 -1.04 -4.29
C GLU C 180 17.32 -0.66 -5.61
N LEU C 181 16.18 0.01 -5.60
CA LEU C 181 15.61 0.43 -6.87
C LEU C 181 16.49 1.47 -7.52
N GLU C 182 17.05 2.36 -6.71
CA GLU C 182 17.89 3.44 -7.21
C GLU C 182 19.11 2.82 -7.89
N ALA C 183 19.68 1.77 -7.27
CA ALA C 183 20.80 1.05 -7.87
C ALA C 183 20.44 0.44 -9.22
N MET C 184 19.31 -0.23 -9.29
CA MET C 184 18.84 -0.81 -10.54
C MET C 184 18.64 0.27 -11.60
N GLN C 185 18.18 1.43 -11.16
CA GLN C 185 17.89 2.53 -12.10
C GLN C 185 19.17 3.06 -12.72
N MET C 186 20.21 3.20 -11.91
CA MET C 186 21.50 3.67 -12.42
C MET C 186 22.09 2.63 -13.38
N ILE C 187 21.93 1.36 -13.06
CA ILE C 187 22.41 0.30 -13.92
C ILE C 187 21.70 0.29 -15.28
N VAL C 188 20.36 0.41 -15.29
CA VAL C 188 19.70 0.47 -16.60
C VAL C 188 20.03 1.77 -17.32
N ASP C 189 20.25 2.88 -16.61
CA ASP C 189 20.68 4.14 -17.27
C ASP C 189 22.05 3.96 -17.93
N GLN C 190 22.95 3.25 -17.25
CA GLN C 190 24.29 3.02 -17.79
C GLN C 190 24.24 2.05 -18.97
N LEU C 191 23.38 1.03 -18.92
CA LEU C 191 23.23 0.14 -20.06
C LEU C 191 22.65 0.86 -21.26
N ALA C 192 21.73 1.76 -21.00
CA ALA C 192 21.12 2.57 -22.04
C ALA C 192 22.18 3.36 -22.79
N VAL C 193 23.20 3.82 -22.06
CA VAL C 193 24.32 4.51 -22.70
C VAL C 193 25.12 3.55 -23.61
N ALA C 194 25.40 2.35 -23.12
CA ALA C 194 26.12 1.38 -23.94
C ALA C 194 25.31 1.06 -25.20
N ILE C 195 24.01 0.86 -25.04
CA ILE C 195 23.16 0.58 -26.19
C ILE C 195 23.14 1.73 -27.19
N ALA C 196 22.94 2.96 -26.72
CA ALA C 196 22.97 4.11 -27.62
C ALA C 196 24.29 4.25 -28.38
N GLN C 197 25.40 4.03 -27.68
CA GLN C 197 26.69 4.19 -28.34
C GLN C 197 26.84 3.16 -29.43
N SER C 198 26.42 1.93 -29.13
CA SER C 198 26.50 0.86 -30.11
C SER C 198 25.65 1.18 -31.33
N HIS C 199 24.43 1.67 -31.13
CA HIS C 199 23.61 2.07 -32.26
C HIS C 199 24.25 3.11 -33.13
N LEU C 200 24.93 4.07 -32.51
CA LEU C 200 25.55 5.14 -33.27
C LEU C 200 26.71 4.58 -34.12
N GLU C 201 27.39 3.60 -33.56
CA GLU C 201 28.53 3.00 -34.25
C GLU C 201 28.11 2.07 -35.40
N HIS C 202 26.88 1.56 -35.31
CA HIS C 202 26.33 0.70 -36.36
C HIS C 202 25.24 1.34 -37.21
N HIS C 203 25.31 2.64 -37.42
CA HIS C 203 24.22 3.30 -38.16
C HIS C 203 24.02 2.72 -39.57
CHC PEB D . 11.68 -4.32 17.93
NC PEB D . 11.89 -4.32 15.39
C1C PEB D . 11.61 -3.51 14.33
C2C PEB D . 11.03 -2.35 14.78
C3C PEB D . 10.94 -2.43 16.16
C4C PEB D . 11.47 -3.66 16.52
CMC PEB D . 10.37 -1.35 17.06
CAC PEB D . 10.59 -1.19 13.83
CBC PEB D . 9.26 -1.48 13.13
CGC PEB D . 8.11 -1.43 14.10
O1C PEB D . 7.94 -0.35 14.73
O2C PEB D . 7.33 -2.43 14.24
ND PEB D . 9.44 -4.02 18.79
C1D PEB D . 10.92 -3.72 19.01
C2D PEB D . 11.23 -4.42 20.26
C3D PEB D . 10.08 -4.90 20.84
C4D PEB D . 8.95 -4.76 19.98
CMD PEB D . 12.65 -4.44 20.91
CAD PEB D . 10.12 -5.73 22.14
CBD PEB D . 9.01 -5.79 22.93
OD PEB D . 7.80 -5.12 20.13
NA PEB D . 14.46 -8.47 14.26
C1A PEB D . 14.93 -9.52 15.10
C2A PEB D . 16.00 -10.30 14.40
C3A PEB D . 16.18 -9.68 13.03
C4A PEB D . 15.17 -8.51 13.00
CMA PEB D . 17.33 -10.29 15.21
CBA PEB D . 17.09 -11.68 11.76
OA PEB D . 14.52 -9.70 16.23
CHA PEB D . 14.94 -7.79 11.90
CAA PEB D . 16.00 -10.58 11.81
NB PEB D . 13.36 -5.89 12.95
C1B PEB D . 14.01 -6.59 11.84
C2B PEB D . 13.72 -5.98 10.56
C3B PEB D . 12.85 -4.89 10.83
C4B PEB D . 12.61 -4.78 12.31
CHB PEB D . 11.83 -3.78 12.83
CMB PEB D . 14.21 -6.45 9.20
CAB PEB D . 12.25 -3.98 9.77
CBB PEB D . 10.85 -4.52 9.50
CGB PEB D . 10.26 -3.69 8.38
O1B PEB D . 9.95 -4.29 7.30
O2B PEB D . 10.13 -2.45 8.55
HHC1 PEB D . 12.63 -4.26 18.15
HHC2 PEB D . 11.43 -5.28 17.87
HNC PEB D . 12.26 -5.13 15.36
HMC1 PEB D . 10.17 -0.55 16.51
HMC2 PEB D . 9.54 -1.67 17.47
HMC3 PEB D . 11.01 -1.13 17.75
HAC1 PEB D . 11.28 -1.06 13.15
HAC2 PEB D . 10.49 -0.37 14.36
HBC1 PEB D . 9.29 -2.36 12.73
HBC2 PEB D . 9.12 -0.82 12.44
HND PEB D . 8.95 -3.77 18.08
H1D1 PEB D . 11.21 -2.78 18.94
HMD1 PEB D . 13.15 -3.66 20.62
HMD2 PEB D . 12.55 -4.44 21.90
HMD3 PEB D . 13.12 -5.28 20.64
HAD1 PEB D . 10.94 -6.20 22.41
HBD1 PEB D . 9.02 -6.32 23.76
HBD2 PEB D . 8.18 -5.33 22.66
HNA PEB D . 13.81 -7.86 14.47
H2A1 PEB D . 15.79 -11.27 14.36
H3A1 PEB D . 17.09 -9.36 12.91
HMA1 PEB D . 17.30 -10.98 15.91
HMA2 PEB D . 18.09 -10.45 14.61
HMA3 PEB D . 17.44 -9.40 15.64
HBA1 PEB D . 16.91 -12.29 11.00
HBA2 PEB D . 17.06 -12.20 12.60
HBA3 PEB D . 17.97 -11.26 11.65
HHA1 PEB D . 15.40 -8.04 11.08
HAA1 PEB D . 16.06 -10.04 10.99
HHB1 PEB D . 11.37 -3.18 12.20
HMB1 PEB D . 15.18 -6.32 9.13
HMB2 PEB D . 13.99 -7.42 9.09
HMB3 PEB D . 13.76 -5.93 8.50
HAB1 PEB D . 12.20 -3.06 10.10
HAB2 PEB D . 12.79 -4.01 8.96
HBB1 PEB D . 10.30 -4.44 10.31
HBB2 PEB D . 10.89 -5.47 9.22
CHC PEB E . -21.77 -2.19 3.14
NC PEB E . -19.68 -1.70 4.51
C1C PEB E . -18.60 -0.87 4.48
C2C PEB E . -18.63 -0.06 3.37
C3C PEB E . -19.77 -0.38 2.69
C4C PEB E . -20.43 -1.42 3.38
CMC PEB E . -20.16 0.31 1.40
CAC PEB E . -17.53 1.00 3.07
CBC PEB E . -16.30 0.30 2.52
CGC PEB E . -16.52 -0.11 1.09
O1C PEB E . -16.43 -1.31 0.73
O2C PEB E . -16.81 0.76 0.25
ND PEB E . -21.41 -2.70 0.86
C1D PEB E . -22.33 -1.99 1.83
C2D PEB E . -23.58 -2.71 1.72
C3D PEB E . -23.54 -3.63 0.69
C4D PEB E . -22.22 -3.72 0.16
CMD PEB E . -24.86 -2.21 2.47
CAD PEB E . -24.65 -4.66 0.37
CBD PEB E . -24.99 -4.89 -0.94
OD PEB E . -21.80 -4.46 -0.70
NA PEB E . -20.24 -4.50 8.64
C1A PEB E . -21.27 -5.41 9.00
C2A PEB E . -21.25 -5.63 10.48
C3A PEB E . -20.08 -4.81 11.04
C4A PEB E . -19.50 -4.08 9.81
CMA PEB E . -22.62 -5.21 11.07
CBA PEB E . -19.53 -6.29 13.03
OA PEB E . -22.07 -5.89 8.21
CHA PEB E . -18.32 -3.41 9.87
CAA PEB E . -18.98 -5.58 11.77
NB PEB E . -18.40 -2.28 7.40
C1B PEB E . -17.77 -2.58 8.71
C2B PEB E . -16.48 -1.94 8.86
C3B PEB E . -16.25 -1.23 7.64
C4B PEB E . -17.42 -1.42 6.71
CHB PEB E . -17.44 -0.81 5.48
CMB PEB E . -15.57 -2.05 10.08
CAB PEB E . -15.01 -0.42 7.27
CBB PEB E . -14.05 -1.40 6.61
CGB PEB E . -12.71 -0.70 6.41
O1B PEB E . -11.67 -1.16 6.94
O2B PEB E . -12.69 0.35 5.74
HHC1 PEB E . -22.43 -1.91 3.82
HHC2 PEB E . -21.61 -3.17 3.26
HNC PEB E . -19.87 -2.32 5.13
HMC1 PEB E . -20.94 -0.14 1.00
HMC2 PEB E . -19.41 0.26 0.76
HMC3 PEB E . -20.38 1.24 1.58
HAC1 PEB E . -17.29 1.48 3.88
HAC2 PEB E . -17.86 1.64 2.40
HBC1 PEB E . -16.11 -0.48 3.06
HBC2 PEB E . -15.54 0.90 2.57
HND PEB E . -20.52 -2.52 0.72
H1D1 PEB E . -22.37 -1.00 1.80
HMD1 PEB E . -25.65 -2.39 1.91
HMD2 PEB E . -24.78 -1.24 2.63
HMD3 PEB E . -24.94 -2.68 3.34
HAD1 PEB E . -25.11 -5.14 1.11
HBD1 PEB E . -24.52 -4.41 -1.65
HBD2 PEB E . -25.69 -5.55 -1.15
HNA PEB E . -20.06 -4.20 7.78
H2A1 PEB E . -21.19 -6.58 10.71
H3A1 PEB E . -20.38 -4.19 11.73
HMA1 PEB E . -23.08 -4.61 10.45
HMA2 PEB E . -22.48 -4.76 11.94
HMA3 PEB E . -23.17 -6.03 11.22
HBA1 PEB E . -18.81 -6.83 13.44
HBA2 PEB E . -19.85 -5.62 13.67
HBA3 PEB E . -20.28 -6.88 12.78
HHA1 PEB E . -17.80 -3.46 10.69
HAA1 PEB E . -18.27 -4.95 12.05
HHB1 PEB E . -16.65 -0.29 5.21
HMB1 PEB E . -14.71 -1.63 9.88
HMB2 PEB E . -15.44 -3.00 10.29
HMB3 PEB E . -16.00 -1.60 10.83
HAB1 PEB E . -14.61 -0.04 8.07
HAB2 PEB E . -15.25 0.29 6.65
HBB1 PEB E . -14.41 -1.67 5.74
HBB2 PEB E . -13.94 -2.18 7.17
CHC PEB F . 6.61 -10.89 -17.53
NC PEB F . 4.53 -9.79 -16.61
C1C PEB F . 4.14 -8.61 -16.04
C2C PEB F . 5.22 -7.77 -15.91
C3C PEB F . 6.32 -8.44 -16.41
C4C PEB F . 5.86 -9.69 -16.85
CMC PEB F . 7.69 -7.78 -16.45
CAC PEB F . 5.12 -6.35 -15.28
CBC PEB F . 4.99 -6.42 -13.76
CGC PEB F . 6.36 -6.68 -13.19
O1C PEB F . 7.28 -5.85 -13.44
O2C PEB F . 6.59 -7.68 -12.45
ND PEB F . 8.49 -11.00 -16.00
C1D PEB F . 8.05 -10.78 -17.44
C2D PEB F . 8.66 -11.90 -18.14
C3D PEB F . 9.36 -12.71 -17.29
C4D PEB F . 9.32 -12.23 -15.95
CMD PEB F . 8.44 -12.16 -19.65
CAD PEB F . 10.00 -14.05 -17.71
CBD PEB F . 11.24 -14.36 -17.24
OD PEB F . 9.85 -12.70 -14.95
NA PEB F . 0.77 -12.97 -17.70
C1A PEB F . 0.85 -14.25 -18.33
C2A PEB F . -0.51 -14.62 -18.86
C3A PEB F . -1.45 -13.45 -18.55
C4A PEB F . -0.57 -12.43 -17.81
CMA PEB F . -0.48 -14.96 -20.38
CBA PEB F . -3.63 -14.80 -18.29
OA PEB F . 1.87 -14.90 -18.42
CHA PEB F . -1.07 -11.29 -17.26
CAA PEB F . -2.69 -13.73 -17.69
NB PEB F . 1.26 -10.07 -16.62
C1B PEB F . -0.20 -10.23 -16.59
C2B PEB F . -0.81 -9.18 -15.82
C3B PEB F . 0.25 -8.34 -15.34
C4B PEB F . 1.56 -8.87 -15.83
CHB PEB F . 2.74 -8.23 -15.53
CMB PEB F . -2.28 -9.02 -15.60
CAB PEB F . 0.09 -7.11 -14.47
CBB PEB F . 0.32 -7.49 -13.03
CGB PEB F . -0.02 -6.25 -12.22
O1B PEB F . 0.70 -5.21 -12.37
O2B PEB F . -1.02 -6.24 -11.45
HHC1 PEB F . 6.35 -10.92 -18.48
HHC2 PEB F . 6.32 -11.73 -17.09
HNC PEB F . 4.00 -10.49 -16.79
HMC1 PEB F . 8.36 -8.43 -16.75
HMC2 PEB F . 7.68 -7.02 -17.07
HMC3 PEB F . 7.92 -7.46 -15.56
HAC1 PEB F . 5.92 -5.84 -15.50
HAC2 PEB F . 4.33 -5.88 -15.65
HBC1 PEB F . 4.40 -7.15 -13.53
HBC2 PEB F . 4.65 -5.59 -13.42
HND PEB F . 8.29 -10.46 -15.29
H1D1 PEB F . 8.19 -9.88 -17.81
HMD1 PEB F . 7.71 -12.82 -19.77
HMD2 PEB F . 8.19 -11.32 -20.11
HMD3 PEB F . 9.28 -12.52 -20.05
HAD1 PEB F . 9.51 -14.67 -18.32
HBD1 PEB F . 11.67 -15.21 -17.50
HBD2 PEB F . 11.72 -13.74 -16.64
HNA PEB F . 1.48 -12.52 -17.32
H2A1 PEB F . -0.84 -15.46 -18.47
H3A1 PEB F . -1.85 -13.08 -19.35
HMA1 PEB F . -1.38 -14.88 -20.77
HMA2 PEB F . 0.13 -14.36 -20.85
HMA3 PEB F . -0.16 -15.90 -20.49
HBA1 PEB F . -4.00 -14.46 -19.15
HBA2 PEB F . -3.13 -15.63 -18.47
HBA3 PEB F . -4.36 -14.98 -17.66
HHA1 PEB F . -2.04 -11.13 -17.32
HAA1 PEB F . -2.38 -14.05 -16.81
HAA2 PEB F . -3.18 -12.90 -17.58
HHB1 PEB F . 2.69 -7.46 -14.93
HMB1 PEB F . -2.43 -8.30 -14.94
HMB2 PEB F . -2.73 -8.79 -16.45
HMB3 PEB F . -2.65 -9.85 -15.26
HAB1 PEB F . 0.73 -6.43 -14.74
HAB2 PEB F . -0.81 -6.76 -14.56
HBB1 PEB F . 1.26 -7.75 -12.89
HBB2 PEB F . -0.27 -8.24 -12.78
#